data_7E2V
#
_entry.id   7E2V
#
_cell.length_a   83.028
_cell.length_b   79.167
_cell.length_c   95.011
_cell.angle_alpha   90.000
_cell.angle_beta   98.232
_cell.angle_gamma   90.000
#
_symmetry.space_group_name_H-M   'P 1 21 1'
#
loop_
_entity.id
_entity.type
_entity.pdbx_description
1 polymer MaDA-3
2 non-polymer 'FLAVIN-ADENINE DINUCLEOTIDE'
3 non-polymer 2-acetamido-2-deoxy-beta-D-glucopyranose
#
_entity_poly.entity_id   1
_entity_poly.type   'polypeptide(L)'
_entity_poly.pdbx_seq_one_letter_code
;MKYFSFSLSFPKITIFLFSFVLVASANHAHESFLECLTTRISKSNSTSTPESIIYTKDNPSYSTILNSTSLNPRFFPSSA
RYPLLIVTPLHASHVQATVHCAKKHGIQIRIRSGGHDYEGLSYMSNVTFAIVDLRNLSSIDVDVKRKSAWVQSGATLGEL
HYWIAKKSQNLAFPGVVGHTVGIGGMLGAGGYGYSSRKYGLSADNILDAQLIDVRGRILNRKSMGEDLFWAIRGGGAGSF
GIVLAWKVRLVDVPSKVTVFTAIRDWDNNATKKFIHRYQRRIAKVDKDLTIIVRFLTASITDEKGSKKIQISTFITATYH
GSQDRLLSLMEKEFPELGLLAKECAEGAWVQSILYFNLLTNSKSLDVLLNRTLNFEWRAFKIKSDYLKKPIPDQVLENLL
VKLYEEDIGETFVEFFPYGGKLDEISESEIPCPHRAGNLYNLRYMVLWKEGQNATAVNKHLSWIRRAYNYMTPYVSKNPR
GAFLNFRDLDIGTNPNENEINGAYNYIKQASNWGTKYFKNNFYKLIYVKTIVDPTNFFTYEQSIPSLLPH
;
_entity_poly.pdbx_strand_id   A,B
#
# COMPACT_ATOMS: atom_id res chain seq x y z
N HIS A 30 36.47 10.32 22.38
CA HIS A 30 35.83 11.45 23.03
C HIS A 30 36.72 12.69 22.94
N GLU A 31 38.02 12.49 23.15
CA GLU A 31 39.02 13.55 23.03
C GLU A 31 39.41 13.76 21.58
N SER A 32 39.73 12.66 20.88
CA SER A 32 39.97 12.73 19.45
C SER A 32 38.80 13.36 18.74
N PHE A 33 37.58 13.10 19.21
CA PHE A 33 36.39 13.62 18.54
C PHE A 33 36.31 15.14 18.64
N LEU A 34 36.56 15.69 19.84
CA LEU A 34 36.45 17.14 19.99
C LEU A 34 37.61 17.85 19.31
N GLU A 35 38.81 17.26 19.35
CA GLU A 35 39.91 17.85 18.59
C GLU A 35 39.59 17.84 17.09
N CYS A 36 39.04 16.73 16.59
CA CYS A 36 38.60 16.68 15.20
C CYS A 36 37.59 17.76 14.88
N LEU A 37 36.60 17.96 15.75
CA LEU A 37 35.55 18.94 15.46
C LEU A 37 36.14 20.34 15.38
N THR A 38 36.86 20.75 16.43
CA THR A 38 37.39 22.11 16.45
C THR A 38 38.39 22.33 15.32
N THR A 39 39.20 21.30 15.00
CA THR A 39 40.19 21.41 13.93
C THR A 39 39.56 21.43 12.53
N ARG A 40 38.52 20.62 12.31
CA ARG A 40 38.01 20.38 10.96
C ARG A 40 37.45 21.64 10.32
N ILE A 41 36.38 22.19 10.89
CA ILE A 41 35.81 23.46 10.47
C ILE A 41 35.81 24.34 11.69
N SER A 42 36.77 25.27 11.74
CA SER A 42 37.10 26.02 12.96
C SER A 42 35.94 26.81 13.52
N GLU A 51 33.62 28.50 16.63
CA GLU A 51 33.04 29.52 17.50
C GLU A 51 32.21 28.89 18.61
N SER A 52 31.13 29.56 19.02
CA SER A 52 30.29 29.06 20.10
C SER A 52 29.12 28.21 19.59
N ILE A 53 29.41 27.28 18.67
CA ILE A 53 28.40 26.32 18.23
C ILE A 53 28.64 24.93 18.80
N ILE A 54 29.77 24.70 19.45
CA ILE A 54 30.05 23.46 20.14
C ILE A 54 29.81 23.69 21.63
N TYR A 55 28.85 22.97 22.18
CA TYR A 55 28.41 23.13 23.57
C TYR A 55 28.75 21.82 24.27
N THR A 56 29.92 21.78 24.87
CA THR A 56 30.34 20.66 25.69
C THR A 56 29.75 20.81 27.09
N LYS A 57 29.92 19.76 27.89
CA LYS A 57 29.46 19.81 29.27
C LYS A 57 30.08 20.96 30.03
N ASP A 58 31.28 21.41 29.62
CA ASP A 58 31.88 22.58 30.25
C ASP A 58 31.04 23.82 30.01
N ASN A 59 30.47 23.93 28.83
CA ASN A 59 29.89 25.20 28.38
C ASN A 59 28.64 25.51 29.19
N PRO A 60 28.56 26.68 29.82
CA PRO A 60 27.46 26.93 30.79
C PRO A 60 26.07 26.83 30.20
N SER A 61 25.92 26.87 28.87
CA SER A 61 24.61 26.75 28.24
C SER A 61 24.38 25.36 27.65
N TYR A 62 25.18 24.37 28.07
CA TYR A 62 24.92 22.99 27.70
C TYR A 62 23.55 22.55 28.19
N SER A 63 23.29 22.78 29.49
CA SER A 63 22.07 22.30 30.10
C SER A 63 20.84 22.92 29.44
N THR A 64 20.86 24.24 29.19
CA THR A 64 19.70 24.90 28.61
C THR A 64 19.42 24.45 27.17
N ILE A 65 20.46 24.25 26.36
CA ILE A 65 20.24 23.72 25.02
C ILE A 65 19.70 22.30 25.08
N LEU A 66 20.30 21.46 25.92
CA LEU A 66 19.85 20.08 26.02
C LEU A 66 18.40 20.02 26.47
N ASN A 67 18.05 20.83 27.47
CA ASN A 67 16.70 20.84 28.02
C ASN A 67 15.69 21.47 27.08
N SER A 68 16.12 22.42 26.24
CA SER A 68 15.17 23.31 25.56
C SER A 68 14.22 22.53 24.68
N THR A 69 14.71 21.47 24.06
CA THR A 69 13.91 20.57 23.24
C THR A 69 14.01 19.14 23.74
N SER A 70 14.15 18.97 25.06
CA SER A 70 13.89 17.69 25.72
C SER A 70 12.45 17.73 26.21
N LEU A 71 11.52 17.48 25.29
CA LEU A 71 10.12 17.85 25.46
C LEU A 71 9.25 16.74 26.06
N ASN A 72 9.84 15.64 26.50
CA ASN A 72 9.07 14.58 27.17
C ASN A 72 9.60 14.40 28.59
N PRO A 73 8.93 14.99 29.59
CA PRO A 73 9.40 14.86 30.98
C PRO A 73 9.34 13.44 31.55
N ARG A 74 8.90 12.45 30.78
CA ARG A 74 9.08 11.07 31.22
C ARG A 74 10.56 10.70 31.20
N PHE A 75 11.35 11.39 30.38
CA PHE A 75 12.76 11.11 30.18
C PHE A 75 13.67 12.02 31.00
N PHE A 76 13.11 12.91 31.81
CA PHE A 76 13.93 13.74 32.68
C PHE A 76 14.80 12.92 33.64
N PRO A 77 14.30 11.88 34.32
CA PRO A 77 15.18 11.15 35.25
C PRO A 77 16.14 10.16 34.58
N SER A 78 16.06 9.99 33.27
CA SER A 78 16.88 9.01 32.58
C SER A 78 18.35 9.46 32.53
N SER A 79 19.25 8.48 32.57
CA SER A 79 20.68 8.69 32.50
C SER A 79 21.23 8.61 31.08
N ALA A 80 20.36 8.47 30.08
CA ALA A 80 20.77 8.37 28.69
C ALA A 80 20.49 9.62 27.87
N ARG A 81 19.93 10.67 28.48
CA ARG A 81 19.57 11.89 27.78
C ARG A 81 20.72 12.89 27.73
N TYR A 82 21.91 12.49 28.16
CA TYR A 82 23.07 13.37 28.21
C TYR A 82 24.07 13.05 27.11
N PRO A 83 24.16 13.86 26.06
CA PRO A 83 25.16 13.63 25.03
C PRO A 83 26.53 14.10 25.48
N LEU A 84 27.56 13.68 24.73
CA LEU A 84 28.89 14.19 25.00
C LEU A 84 28.94 15.69 24.76
N LEU A 85 28.31 16.16 23.70
CA LEU A 85 28.37 17.55 23.30
C LEU A 85 27.20 17.84 22.37
N ILE A 86 26.93 19.11 22.15
CA ILE A 86 25.81 19.55 21.32
C ILE A 86 26.36 20.53 20.28
N VAL A 87 26.09 20.25 19.01
CA VAL A 87 26.50 21.11 17.91
C VAL A 87 25.28 21.84 17.39
N THR A 88 25.39 23.16 17.24
CA THR A 88 24.33 23.97 16.67
C THR A 88 24.79 24.51 15.33
N PRO A 89 24.74 23.70 14.27
CA PRO A 89 25.29 24.14 12.99
C PRO A 89 24.56 25.37 12.46
N LEU A 90 25.31 26.24 11.80
CA LEU A 90 24.73 27.38 11.10
C LEU A 90 24.85 27.25 9.59
N HIS A 91 25.76 26.42 9.11
CA HIS A 91 25.97 26.15 7.69
C HIS A 91 26.14 24.65 7.52
N ALA A 92 26.05 24.19 6.26
CA ALA A 92 26.22 22.78 5.98
C ALA A 92 27.62 22.27 6.30
N SER A 93 28.60 23.17 6.36
CA SER A 93 29.97 22.78 6.68
C SER A 93 30.08 22.17 8.07
N HIS A 94 29.36 22.75 9.04
CA HIS A 94 29.36 22.19 10.39
C HIS A 94 28.81 20.78 10.39
N VAL A 95 27.72 20.53 9.66
CA VAL A 95 27.13 19.20 9.62
C VAL A 95 28.08 18.20 8.97
N GLN A 96 28.73 18.59 7.87
CA GLN A 96 29.68 17.69 7.22
C GLN A 96 30.82 17.34 8.17
N ALA A 97 31.38 18.35 8.84
CA ALA A 97 32.47 18.11 9.78
C ALA A 97 32.04 17.18 10.90
N THR A 98 30.82 17.39 11.42
CA THR A 98 30.32 16.55 12.51
C THR A 98 30.22 15.09 12.08
N VAL A 99 29.65 14.86 10.90
CA VAL A 99 29.53 13.48 10.41
C VAL A 99 30.91 12.84 10.27
N HIS A 100 31.85 13.56 9.66
CA HIS A 100 33.20 13.06 9.46
C HIS A 100 33.84 12.65 10.78
N CYS A 101 33.83 13.56 11.77
CA CYS A 101 34.50 13.27 13.04
C CYS A 101 33.82 12.14 13.80
N ALA A 102 32.49 12.17 13.87
CA ALA A 102 31.79 11.11 14.59
C ALA A 102 32.03 9.76 13.94
N LYS A 103 32.21 9.74 12.61
CA LYS A 103 32.57 8.50 11.94
C LYS A 103 33.96 8.04 12.35
N LYS A 104 34.93 8.95 12.38
CA LYS A 104 36.29 8.49 12.66
C LYS A 104 36.56 8.27 14.15
N HIS A 105 35.62 8.61 15.05
CA HIS A 105 35.88 8.38 16.47
C HIS A 105 34.77 7.63 17.19
N GLY A 106 33.88 6.94 16.45
CA GLY A 106 32.90 6.08 17.10
C GLY A 106 31.78 6.79 17.84
N ILE A 107 31.58 8.07 17.59
CA ILE A 107 30.55 8.82 18.29
C ILE A 107 29.25 8.66 17.53
N GLN A 108 28.14 8.55 18.26
CA GLN A 108 26.82 8.45 17.67
C GLN A 108 26.18 9.82 17.54
N ILE A 109 25.34 9.96 16.52
CA ILE A 109 24.66 11.21 16.20
C ILE A 109 23.16 11.02 16.36
N ARG A 110 22.53 11.95 17.07
CA ARG A 110 21.07 12.00 17.21
C ARG A 110 20.60 13.32 16.63
N ILE A 111 20.00 13.28 15.45
CA ILE A 111 19.59 14.50 14.77
C ILE A 111 18.39 15.06 15.52
N ARG A 112 18.40 16.37 15.77
CA ARG A 112 17.27 16.99 16.45
C ARG A 112 16.93 18.30 15.77
N SER A 113 15.66 18.46 15.40
CA SER A 113 15.11 19.72 14.89
C SER A 113 14.26 20.44 15.94
N GLY A 114 13.22 19.77 16.43
CA GLY A 114 12.31 20.43 17.34
C GLY A 114 12.24 19.76 18.70
N GLY A 115 12.68 18.51 18.78
CA GLY A 115 12.69 17.79 20.04
C GLY A 115 11.36 17.18 20.45
N HIS A 116 10.38 17.12 19.55
CA HIS A 116 9.05 16.62 19.88
C HIS A 116 8.94 15.11 19.83
N ASP A 117 10.01 14.39 19.48
CA ASP A 117 10.00 12.94 19.45
C ASP A 117 9.31 12.36 20.68
N TYR A 118 8.26 11.58 20.45
CA TYR A 118 7.49 11.02 21.55
C TYR A 118 8.36 10.16 22.46
N GLU A 119 9.32 9.44 21.89
CA GLU A 119 10.27 8.66 22.66
C GLU A 119 11.57 9.41 22.89
N GLY A 120 11.64 10.69 22.51
CA GLY A 120 12.81 11.48 22.82
C GLY A 120 14.09 10.96 22.21
N LEU A 121 13.99 10.25 21.08
CA LEU A 121 15.17 9.65 20.46
C LEU A 121 16.16 10.67 19.95
N SER A 122 15.71 11.89 19.64
CA SER A 122 16.60 12.92 19.12
C SER A 122 17.51 13.51 20.18
N TYR A 123 17.30 13.18 21.47
CA TYR A 123 18.13 13.72 22.53
C TYR A 123 18.53 12.65 23.54
N MET A 124 18.62 11.38 23.10
CA MET A 124 18.92 10.26 23.99
C MET A 124 19.64 9.16 23.22
N SER A 125 20.41 8.35 23.95
CA SER A 125 20.99 7.13 23.39
C SER A 125 21.59 6.30 24.51
N ASN A 126 21.70 4.99 24.28
CA ASN A 126 22.36 4.08 25.22
C ASN A 126 23.87 4.04 25.03
N VAL A 127 24.39 4.80 24.08
CA VAL A 127 25.81 4.88 23.75
C VAL A 127 26.23 6.35 23.83
N THR A 128 27.54 6.59 23.97
CA THR A 128 28.08 7.94 23.88
C THR A 128 27.64 8.59 22.57
N PHE A 129 26.83 9.63 22.67
CA PHE A 129 26.27 10.30 21.52
C PHE A 129 26.45 11.81 21.65
N ALA A 130 26.27 12.50 20.53
CA ALA A 130 26.29 13.96 20.49
C ALA A 130 25.13 14.44 19.64
N ILE A 131 24.53 15.55 20.03
CA ILE A 131 23.33 16.07 19.39
C ILE A 131 23.72 17.07 18.30
N VAL A 132 23.18 16.89 17.11
CA VAL A 132 23.27 17.89 16.05
C VAL A 132 21.97 18.67 16.11
N ASP A 133 22.00 19.81 16.80
CA ASP A 133 20.82 20.63 17.03
C ASP A 133 20.71 21.64 15.89
N LEU A 134 19.62 21.58 15.14
CA LEU A 134 19.44 22.41 13.97
C LEU A 134 18.69 23.70 14.25
N ARG A 135 18.53 24.07 15.53
CA ARG A 135 17.83 25.29 15.91
C ARG A 135 18.17 26.48 15.02
N ASN A 136 19.47 26.72 14.78
CA ASN A 136 19.90 27.86 13.99
C ASN A 136 19.97 27.55 12.49
N LEU A 137 19.27 26.51 12.04
CA LEU A 137 19.02 26.29 10.62
C LEU A 137 17.51 26.46 10.42
N SER A 138 17.09 27.72 10.26
CA SER A 138 15.67 28.03 10.23
C SER A 138 15.33 29.06 9.15
N SER A 139 16.15 29.18 8.12
CA SER A 139 15.91 30.14 7.07
C SER A 139 14.71 29.69 6.24
N ILE A 140 13.91 30.65 5.79
CA ILE A 140 12.69 30.35 5.05
C ILE A 140 12.65 31.25 3.82
N ASP A 141 12.42 30.65 2.65
CA ASP A 141 12.30 31.41 1.41
C ASP A 141 10.97 31.02 0.75
N VAL A 142 10.01 31.94 0.77
CA VAL A 142 8.66 31.69 0.28
C VAL A 142 8.53 32.22 -1.14
N ASP A 143 7.93 31.43 -2.02
CA ASP A 143 7.72 31.77 -3.42
C ASP A 143 6.22 31.65 -3.72
N VAL A 144 5.52 32.78 -3.66
CA VAL A 144 4.08 32.81 -3.90
C VAL A 144 3.77 32.43 -5.34
N LYS A 145 4.55 32.98 -6.27
CA LYS A 145 4.28 32.81 -7.69
C LYS A 145 4.50 31.38 -8.16
N ARG A 146 5.57 30.73 -7.72
CA ARG A 146 5.79 29.32 -8.05
C ARG A 146 5.17 28.38 -7.03
N LYS A 147 4.54 28.94 -5.98
CA LYS A 147 3.80 28.17 -4.98
C LYS A 147 4.69 27.14 -4.26
N SER A 148 5.84 27.58 -3.78
CA SER A 148 6.71 26.64 -3.08
C SER A 148 7.58 27.38 -2.07
N ALA A 149 8.03 26.66 -1.04
CA ALA A 149 8.80 27.31 0.01
C ALA A 149 9.96 26.43 0.45
N TRP A 150 11.10 27.06 0.66
CA TRP A 150 12.32 26.40 1.14
C TRP A 150 12.46 26.62 2.65
N VAL A 151 12.37 25.53 3.41
CA VAL A 151 12.40 25.57 4.88
C VAL A 151 13.67 24.87 5.36
N GLN A 152 14.52 25.60 6.07
CA GLN A 152 15.60 24.95 6.78
C GLN A 152 15.03 24.15 7.94
N SER A 153 15.59 22.97 8.19
CA SER A 153 14.88 21.99 9.00
C SER A 153 14.78 22.38 10.47
N GLY A 154 15.60 23.32 10.95
CA GLY A 154 15.46 23.71 12.33
C GLY A 154 14.37 24.73 12.59
N ALA A 155 13.64 25.14 11.57
CA ALA A 155 12.49 26.00 11.76
C ALA A 155 11.31 25.16 12.24
N THR A 156 10.52 25.74 13.14
CA THR A 156 9.28 25.12 13.56
C THR A 156 8.18 25.40 12.55
N LEU A 157 7.10 24.63 12.65
CA LEU A 157 6.00 24.79 11.71
C LEU A 157 5.31 26.15 11.90
N GLY A 158 5.30 26.66 13.13
CA GLY A 158 4.74 27.98 13.36
C GLY A 158 5.46 29.09 12.61
N GLU A 159 6.81 29.05 12.60
CA GLU A 159 7.57 30.06 11.87
C GLU A 159 7.29 30.00 10.37
N LEU A 160 7.23 28.79 9.81
CA LEU A 160 6.90 28.65 8.39
C LEU A 160 5.52 29.18 8.09
N HIS A 161 4.55 28.86 8.94
CA HIS A 161 3.19 29.39 8.74
C HIS A 161 3.18 30.91 8.78
N TYR A 162 3.93 31.48 9.72
CA TYR A 162 3.99 32.93 9.85
C TYR A 162 4.56 33.58 8.60
N TRP A 163 5.63 33.00 8.05
CA TRP A 163 6.26 33.62 6.89
C TRP A 163 5.45 33.42 5.62
N ILE A 164 4.61 32.38 5.56
CA ILE A 164 3.65 32.33 4.46
C ILE A 164 2.57 33.39 4.65
N ALA A 165 2.13 33.57 5.90
CA ALA A 165 1.05 34.52 6.18
C ALA A 165 1.47 35.96 5.90
N LYS A 166 2.77 36.25 6.06
CA LYS A 166 3.26 37.60 5.73
C LYS A 166 3.25 37.88 4.24
N LYS A 167 3.02 36.88 3.38
CA LYS A 167 3.01 37.10 1.93
C LYS A 167 1.65 36.94 1.28
N SER A 168 0.91 35.87 1.57
CA SER A 168 -0.45 35.71 1.06
C SER A 168 -1.33 34.99 2.08
N GLN A 169 -2.62 35.29 2.03
CA GLN A 169 -3.63 34.58 2.81
C GLN A 169 -4.27 33.43 2.06
N ASN A 170 -3.81 33.12 0.85
CA ASN A 170 -4.40 32.08 0.02
C ASN A 170 -3.40 30.98 -0.32
N LEU A 171 -2.23 31.01 0.32
CA LEU A 171 -1.27 29.92 0.30
C LEU A 171 -1.13 29.38 1.71
N ALA A 172 -0.79 28.10 1.82
CA ALA A 172 -0.72 27.45 3.12
C ALA A 172 0.14 26.21 3.01
N PHE A 173 0.65 25.76 4.15
CA PHE A 173 1.25 24.43 4.22
C PHE A 173 0.57 23.62 5.32
N PRO A 174 -0.13 22.55 4.98
CA PRO A 174 -0.79 21.75 6.03
C PRO A 174 0.25 21.03 6.88
N GLY A 175 0.11 21.14 8.19
CA GLY A 175 1.03 20.47 9.07
C GLY A 175 0.38 19.82 10.28
N VAL A 176 1.20 19.43 11.24
CA VAL A 176 0.72 18.86 12.49
C VAL A 176 0.08 19.98 13.30
N VAL A 177 -0.67 19.61 14.35
CA VAL A 177 -1.35 20.63 15.15
C VAL A 177 -0.33 21.43 15.96
N GLY A 178 0.70 20.77 16.47
CA GLY A 178 1.69 21.44 17.28
C GLY A 178 2.61 22.31 16.45
N HIS A 179 2.59 23.62 16.70
CA HIS A 179 3.37 24.56 15.90
C HIS A 179 4.83 24.63 16.32
N THR A 180 5.19 24.03 17.45
CA THR A 180 6.59 23.97 17.86
C THR A 180 7.29 22.75 17.27
N VAL A 181 6.56 21.93 16.51
CA VAL A 181 7.17 20.77 15.89
C VAL A 181 8.16 21.24 14.83
N GLY A 182 9.40 20.76 14.92
CA GLY A 182 10.39 21.09 13.90
C GLY A 182 10.04 20.48 12.56
N ILE A 183 10.41 21.21 11.50
CA ILE A 183 10.12 20.73 10.15
C ILE A 183 10.90 19.46 9.85
N GLY A 184 12.13 19.37 10.34
CA GLY A 184 12.97 18.22 10.05
C GLY A 184 12.37 16.89 10.44
N GLY A 185 12.20 16.64 11.73
CA GLY A 185 11.65 15.36 12.16
C GLY A 185 10.22 15.15 11.73
N MET A 186 9.45 16.24 11.64
CA MET A 186 8.06 16.14 11.19
C MET A 186 7.98 15.60 9.77
N LEU A 187 8.71 16.21 8.85
CA LEU A 187 8.73 15.71 7.48
C LEU A 187 9.51 14.41 7.37
N GLY A 188 10.43 14.14 8.30
CA GLY A 188 11.04 12.82 8.35
C GLY A 188 10.00 11.75 8.56
N ALA A 189 9.08 11.97 9.49
CA ALA A 189 7.94 11.09 9.62
C ALA A 189 6.86 11.64 8.68
N GLY A 190 5.63 11.14 8.78
CA GLY A 190 4.62 11.56 7.82
C GLY A 190 4.14 12.99 8.03
N GLY A 191 3.42 13.22 9.12
CA GLY A 191 2.76 14.48 9.43
C GLY A 191 1.30 14.50 9.05
N TYR A 192 0.45 14.69 10.05
CA TYR A 192 -1.00 14.69 9.89
C TYR A 192 -1.59 15.90 10.58
N GLY A 193 -2.56 16.54 9.91
CA GLY A 193 -3.23 17.68 10.51
C GLY A 193 -4.67 17.80 10.08
N TYR A 194 -5.26 18.97 10.35
CA TYR A 194 -6.65 19.19 9.97
C TYR A 194 -6.84 19.26 8.47
N SER A 195 -5.77 19.34 7.68
CA SER A 195 -5.90 19.45 6.24
C SER A 195 -5.41 18.23 5.47
N SER A 196 -4.98 17.17 6.16
CA SER A 196 -4.45 16.00 5.46
C SER A 196 -5.54 15.31 4.64
N ARG A 197 -6.80 15.42 5.06
CA ARG A 197 -7.88 14.88 4.25
C ARG A 197 -8.14 15.72 3.01
N LYS A 198 -7.69 16.99 3.00
CA LYS A 198 -7.77 17.82 1.81
C LYS A 198 -6.52 17.75 0.94
N TYR A 199 -5.32 17.62 1.55
CA TYR A 199 -4.07 17.70 0.81
C TYR A 199 -3.14 16.51 0.99
N GLY A 200 -3.53 15.50 1.76
CA GLY A 200 -2.61 14.43 2.08
C GLY A 200 -1.67 14.82 3.20
N LEU A 201 -0.69 13.96 3.46
CA LEU A 201 0.25 14.24 4.52
C LEU A 201 1.17 15.40 4.14
N SER A 202 1.86 15.91 5.15
CA SER A 202 2.88 16.94 4.92
C SER A 202 3.99 16.40 4.03
N ALA A 203 4.31 15.12 4.17
CA ALA A 203 5.33 14.47 3.35
C ALA A 203 4.84 14.18 1.93
N ASP A 204 3.55 14.31 1.66
CA ASP A 204 3.03 14.16 0.30
C ASP A 204 3.18 15.42 -0.53
N ASN A 205 3.65 16.50 0.06
CA ASN A 205 3.77 17.78 -0.65
C ASN A 205 5.20 18.28 -0.55
N ILE A 206 6.17 17.40 -0.81
CA ILE A 206 7.59 17.75 -0.79
C ILE A 206 8.12 17.72 -2.21
N LEU A 207 8.81 18.79 -2.61
CA LEU A 207 9.34 18.94 -3.95
C LEU A 207 10.85 18.73 -4.04
N ASP A 208 11.60 19.10 -3.01
CA ASP A 208 13.05 19.02 -3.10
C ASP A 208 13.62 18.95 -1.70
N ALA A 209 14.89 18.56 -1.60
CA ALA A 209 15.53 18.53 -0.29
C ALA A 209 17.03 18.70 -0.45
N GLN A 210 17.66 19.07 0.66
CA GLN A 210 19.11 19.14 0.78
C GLN A 210 19.59 18.25 1.92
N LEU A 211 20.68 17.54 1.69
CA LEU A 211 20.99 16.37 2.50
C LEU A 211 22.49 16.22 2.70
N ILE A 212 22.87 15.71 3.87
CA ILE A 212 24.23 15.28 4.17
C ILE A 212 24.18 13.77 4.34
N ASP A 213 24.80 13.04 3.41
CA ASP A 213 24.90 11.59 3.47
C ASP A 213 26.09 11.19 4.34
N VAL A 214 26.25 9.88 4.56
CA VAL A 214 27.31 9.36 5.40
C VAL A 214 28.69 9.76 4.89
N ARG A 215 28.82 10.02 3.59
CA ARG A 215 30.06 10.52 3.01
C ARG A 215 30.27 12.02 3.20
N GLY A 216 29.31 12.73 3.77
CA GLY A 216 29.48 14.16 3.88
C GLY A 216 29.18 14.93 2.62
N ARG A 217 28.66 14.27 1.59
CA ARG A 217 28.33 14.95 0.35
C ARG A 217 26.97 15.64 0.48
N ILE A 218 26.95 16.93 0.16
CA ILE A 218 25.71 17.68 0.14
C ILE A 218 24.97 17.31 -1.14
N LEU A 219 23.67 17.00 -1.02
CA LEU A 219 22.95 16.45 -2.15
C LEU A 219 21.54 17.02 -2.22
N ASN A 220 21.09 17.32 -3.43
CA ASN A 220 19.73 17.75 -3.72
C ASN A 220 18.95 16.54 -4.23
N ARG A 221 17.72 16.78 -4.68
CA ARG A 221 16.91 15.68 -5.19
C ARG A 221 17.59 14.98 -6.37
N LYS A 222 18.16 15.77 -7.30
CA LYS A 222 18.70 15.17 -8.52
C LYS A 222 19.95 14.35 -8.22
N SER A 223 20.85 14.87 -7.38
CA SER A 223 22.09 14.16 -7.11
C SER A 223 21.93 13.07 -6.06
N MET A 224 20.80 13.03 -5.35
CA MET A 224 20.61 12.00 -4.33
C MET A 224 19.92 10.76 -4.88
N GLY A 225 19.24 10.86 -6.01
CA GLY A 225 18.48 9.76 -6.56
C GLY A 225 17.08 9.68 -5.99
N GLU A 226 16.19 9.05 -6.76
CA GLU A 226 14.79 9.00 -6.38
C GLU A 226 14.49 7.86 -5.43
N ASP A 227 15.40 6.89 -5.29
CA ASP A 227 15.23 5.93 -4.21
C ASP A 227 15.50 6.60 -2.87
N LEU A 228 16.62 7.32 -2.75
CA LEU A 228 16.92 8.04 -1.52
C LEU A 228 15.97 9.23 -1.33
N PHE A 229 15.63 9.92 -2.43
CA PHE A 229 14.67 11.02 -2.31
C PHE A 229 13.32 10.52 -1.83
N TRP A 230 12.87 9.37 -2.34
CA TRP A 230 11.66 8.72 -1.84
C TRP A 230 11.81 8.37 -0.37
N ALA A 231 12.96 7.79 0.01
CA ALA A 231 13.16 7.33 1.38
C ALA A 231 12.99 8.47 2.39
N ILE A 232 13.68 9.58 2.19
CA ILE A 232 13.71 10.65 3.18
C ILE A 232 12.32 11.23 3.43
N ARG A 233 11.41 11.13 2.46
CA ARG A 233 10.05 11.64 2.60
C ARG A 233 9.16 10.62 3.31
N GLY A 234 9.14 10.67 4.64
CA GLY A 234 8.22 9.83 5.38
C GLY A 234 8.78 8.53 5.92
N GLY A 235 10.03 8.19 5.60
CA GLY A 235 10.71 7.09 6.24
C GLY A 235 11.56 7.59 7.40
N GLY A 236 12.33 6.69 7.97
CA GLY A 236 13.19 7.11 9.05
C GLY A 236 14.30 7.96 8.47
N ALA A 237 13.98 9.22 8.17
CA ALA A 237 14.91 10.07 7.43
C ALA A 237 16.21 10.25 8.17
N GLY A 238 16.16 10.25 9.51
CA GLY A 238 17.36 10.29 10.32
C GLY A 238 18.27 9.09 10.13
N SER A 239 17.74 7.98 9.61
CA SER A 239 18.50 6.77 9.37
C SER A 239 19.13 6.71 7.98
N PHE A 240 18.96 7.76 7.18
CA PHE A 240 19.55 7.85 5.85
C PHE A 240 20.56 8.97 5.72
N GLY A 241 20.42 10.02 6.51
CA GLY A 241 21.28 11.18 6.40
C GLY A 241 20.76 12.28 7.30
N ILE A 242 21.31 13.48 7.10
CA ILE A 242 20.91 14.66 7.85
C ILE A 242 20.31 15.64 6.85
N VAL A 243 19.01 15.90 6.96
CA VAL A 243 18.32 16.72 5.97
C VAL A 243 18.35 18.17 6.46
N LEU A 244 18.92 19.05 5.64
CA LEU A 244 19.17 20.43 6.05
C LEU A 244 18.09 21.40 5.61
N ALA A 245 17.35 21.08 4.56
CA ALA A 245 16.27 21.93 4.09
C ALA A 245 15.34 21.12 3.21
N TRP A 246 14.10 21.59 3.12
CA TRP A 246 13.07 20.98 2.28
C TRP A 246 12.38 22.07 1.47
N LYS A 247 12.32 21.87 0.15
CA LYS A 247 11.43 22.66 -0.71
C LYS A 247 10.10 21.93 -0.75
N VAL A 248 9.07 22.56 -0.17
CA VAL A 248 7.76 21.95 -0.02
C VAL A 248 6.74 22.70 -0.85
N ARG A 249 5.78 21.94 -1.35
CA ARG A 249 4.67 22.49 -2.14
C ARG A 249 3.78 23.37 -1.28
N LEU A 250 3.36 24.48 -1.86
CA LEU A 250 2.31 25.32 -1.27
C LEU A 250 0.97 24.97 -1.90
N VAL A 251 -0.08 25.05 -1.08
CA VAL A 251 -1.41 24.66 -1.52
C VAL A 251 -2.33 25.84 -1.32
N ASP A 252 -3.27 26.01 -2.25
CA ASP A 252 -4.24 27.08 -2.14
C ASP A 252 -5.23 26.78 -1.02
N VAL A 253 -5.63 27.83 -0.32
CA VAL A 253 -6.70 27.73 0.69
C VAL A 253 -7.69 28.87 0.47
N PRO A 254 -8.99 28.59 0.59
CA PRO A 254 -9.98 29.65 0.42
C PRO A 254 -9.79 30.75 1.45
N SER A 255 -10.24 31.96 1.09
CA SER A 255 -9.98 33.12 1.93
C SER A 255 -10.72 33.07 3.25
N LYS A 256 -11.67 32.16 3.41
CA LYS A 256 -12.37 31.94 4.67
C LYS A 256 -12.19 30.49 5.08
N VAL A 257 -11.59 30.27 6.25
CA VAL A 257 -11.44 28.96 6.86
C VAL A 257 -12.17 28.98 8.20
N THR A 258 -12.95 27.92 8.46
CA THR A 258 -13.81 27.88 9.63
C THR A 258 -13.40 26.74 10.54
N VAL A 259 -13.18 27.06 11.82
CA VAL A 259 -12.90 26.05 12.82
C VAL A 259 -14.14 25.91 13.69
N PHE A 260 -14.24 24.79 14.39
CA PHE A 260 -15.22 24.72 15.47
C PHE A 260 -14.77 23.74 16.54
N THR A 261 -15.25 24.00 17.76
CA THR A 261 -15.09 23.13 18.92
C THR A 261 -16.45 22.93 19.58
N ALA A 262 -16.92 21.69 19.62
CA ALA A 262 -18.21 21.34 20.21
C ALA A 262 -17.95 20.43 21.41
N ILE A 263 -18.46 20.82 22.57
CA ILE A 263 -18.34 20.01 23.78
C ILE A 263 -19.58 19.14 23.89
N ARG A 264 -19.39 17.83 23.94
CA ARG A 264 -20.52 16.92 23.99
C ARG A 264 -20.30 15.85 25.05
N ASP A 265 -21.38 15.48 25.74
CA ASP A 265 -21.29 14.54 26.85
C ASP A 265 -21.52 13.12 26.34
N TRP A 266 -20.48 12.31 26.37
CA TRP A 266 -20.61 10.92 25.93
C TRP A 266 -21.38 10.09 26.95
N ASP A 267 -21.31 10.48 28.22
CA ASP A 267 -21.74 9.63 29.33
C ASP A 267 -23.18 9.15 29.16
N ASN A 268 -24.13 10.08 28.99
CA ASN A 268 -25.54 9.72 28.92
C ASN A 268 -26.25 10.13 27.64
N ASN A 269 -25.76 11.16 26.95
CA ASN A 269 -26.48 11.70 25.78
C ASN A 269 -26.32 10.72 24.63
N ALA A 270 -27.39 9.97 24.34
CA ALA A 270 -27.40 9.10 23.19
C ALA A 270 -27.22 9.84 21.87
N THR A 271 -27.52 11.13 21.84
CA THR A 271 -27.25 11.91 20.64
C THR A 271 -25.76 11.92 20.31
N LYS A 272 -24.92 12.04 21.32
CA LYS A 272 -23.48 12.02 21.12
C LYS A 272 -22.93 10.60 21.00
N LYS A 273 -23.81 9.61 20.80
CA LYS A 273 -23.47 8.37 20.13
C LYS A 273 -23.41 8.56 18.61
N PHE A 274 -23.37 9.83 18.22
CA PHE A 274 -22.89 10.31 16.93
C PHE A 274 -21.62 9.61 16.47
N ILE A 275 -20.82 9.14 17.43
CA ILE A 275 -19.62 8.39 17.13
C ILE A 275 -19.90 7.21 16.21
N HIS A 276 -20.98 6.45 16.48
CA HIS A 276 -21.28 5.29 15.65
C HIS A 276 -21.37 5.67 14.18
N ARG A 277 -21.98 6.81 13.89
CA ARG A 277 -22.07 7.27 12.51
C ARG A 277 -20.73 7.81 12.01
N TYR A 278 -20.00 8.54 12.87
CA TYR A 278 -18.74 9.13 12.47
C TYR A 278 -17.81 8.09 11.88
N GLN A 279 -17.61 6.98 12.60
CA GLN A 279 -16.73 5.91 12.14
C GLN A 279 -17.13 5.46 10.74
N ARG A 280 -18.43 5.30 10.50
CA ARG A 280 -18.88 4.75 9.23
C ARG A 280 -19.07 5.81 8.14
N ARG A 281 -18.83 7.09 8.44
CA ARG A 281 -19.07 8.13 7.43
C ARG A 281 -17.95 9.13 7.25
N ILE A 282 -16.99 9.23 8.18
CA ILE A 282 -16.03 10.31 8.09
C ILE A 282 -15.02 10.09 6.96
N ALA A 283 -14.83 8.84 6.51
CA ALA A 283 -13.88 8.60 5.44
C ALA A 283 -14.41 8.94 4.06
N LYS A 284 -15.72 9.14 3.90
CA LYS A 284 -16.29 9.54 2.63
C LYS A 284 -17.02 10.88 2.70
N VAL A 285 -17.02 11.55 3.85
CA VAL A 285 -17.54 12.91 3.93
C VAL A 285 -16.58 13.86 3.22
N ASP A 286 -17.14 14.98 2.74
CA ASP A 286 -16.42 16.02 2.01
C ASP A 286 -15.02 16.25 2.58
N LYS A 287 -14.02 16.18 1.71
CA LYS A 287 -12.62 16.19 2.13
C LYS A 287 -12.13 17.57 2.54
N ASP A 288 -12.86 18.64 2.23
CA ASP A 288 -12.52 19.96 2.74
C ASP A 288 -12.73 20.03 4.25
N LEU A 289 -13.34 19.01 4.82
CA LEU A 289 -13.73 18.90 6.22
C LEU A 289 -12.88 17.88 6.94
N THR A 290 -12.27 18.28 8.05
CA THR A 290 -11.66 17.29 8.94
C THR A 290 -12.21 17.51 10.35
N ILE A 291 -12.91 16.50 10.86
CA ILE A 291 -13.46 16.46 12.20
C ILE A 291 -12.63 15.46 13.00
N ILE A 292 -12.02 15.93 14.08
CA ILE A 292 -11.23 15.11 14.98
C ILE A 292 -11.95 15.05 16.31
N VAL A 293 -12.03 13.86 16.90
CA VAL A 293 -12.72 13.73 18.19
C VAL A 293 -11.71 13.35 19.27
N ARG A 294 -11.89 13.93 20.45
CA ARG A 294 -11.06 13.65 21.61
C ARG A 294 -11.96 13.20 22.75
N PHE A 295 -11.59 12.09 23.39
CA PHE A 295 -12.33 11.51 24.50
C PHE A 295 -11.46 11.63 25.73
N LEU A 296 -11.99 12.26 26.78
CA LEU A 296 -11.23 12.49 27.99
C LEU A 296 -12.19 12.46 29.17
N THR A 297 -11.64 12.55 30.38
CA THR A 297 -12.44 12.57 31.59
C THR A 297 -12.38 13.95 32.23
N ALA A 298 -13.53 14.49 32.61
CA ALA A 298 -13.63 15.81 33.20
C ALA A 298 -14.58 15.77 34.39
N SER A 299 -14.22 16.46 35.45
CA SER A 299 -15.06 16.46 36.65
C SER A 299 -16.35 17.23 36.39
N ILE A 300 -17.45 16.68 36.89
CA ILE A 300 -18.75 17.32 36.82
C ILE A 300 -19.27 17.38 38.25
N THR A 301 -20.30 18.19 38.46
CA THR A 301 -20.93 18.29 39.77
C THR A 301 -22.25 17.52 39.75
N ASP A 302 -22.47 16.74 40.82
CA ASP A 302 -23.55 15.75 40.84
C ASP A 302 -24.94 16.40 40.79
N GLU A 303 -25.10 17.57 41.41
CA GLU A 303 -26.35 18.21 41.82
C GLU A 303 -26.89 17.61 43.11
N LYS A 304 -26.14 16.73 43.77
CA LYS A 304 -26.43 16.30 45.14
C LYS A 304 -25.39 16.79 46.13
N GLY A 305 -24.42 17.58 45.67
CA GLY A 305 -23.36 18.09 46.50
C GLY A 305 -21.96 17.68 46.08
N SER A 306 -21.82 16.55 45.38
CA SER A 306 -20.52 15.94 45.13
C SER A 306 -20.04 16.24 43.72
N LYS A 307 -18.73 16.10 43.53
CA LYS A 307 -18.10 16.21 42.22
C LYS A 307 -18.04 14.82 41.59
N LYS A 308 -18.58 14.70 40.39
CA LYS A 308 -18.61 13.43 39.67
C LYS A 308 -17.72 13.51 38.43
N ILE A 309 -17.21 12.36 38.02
CA ILE A 309 -16.30 12.25 36.90
C ILE A 309 -17.04 11.61 35.73
N GLN A 310 -17.17 12.35 34.64
CA GLN A 310 -17.80 11.83 33.43
C GLN A 310 -16.84 11.99 32.25
N ILE A 311 -17.24 11.40 31.12
CA ILE A 311 -16.42 11.38 29.92
C ILE A 311 -16.89 12.52 29.03
N SER A 312 -15.99 13.44 28.73
CA SER A 312 -16.26 14.57 27.87
C SER A 312 -15.65 14.32 26.50
N THR A 313 -16.35 14.80 25.47
CA THR A 313 -15.94 14.62 24.09
C THR A 313 -15.76 16.00 23.47
N PHE A 314 -14.54 16.28 23.02
CA PHE A 314 -14.22 17.50 22.30
C PHE A 314 -14.25 17.13 20.82
N ILE A 315 -15.30 17.55 20.12
CA ILE A 315 -15.46 17.30 18.69
C ILE A 315 -15.08 18.58 17.97
N THR A 316 -13.93 18.56 17.30
CA THR A 316 -13.34 19.75 16.74
C THR A 316 -13.12 19.57 15.26
N ALA A 317 -13.12 20.68 14.51
CA ALA A 317 -12.93 20.51 13.08
C ALA A 317 -12.37 21.77 12.46
N THR A 318 -11.75 21.57 11.29
CA THR A 318 -11.42 22.63 10.36
C THR A 318 -12.06 22.34 9.02
N TYR A 319 -12.62 23.39 8.41
CA TYR A 319 -13.28 23.30 7.12
C TYR A 319 -12.76 24.43 6.24
N HIS A 320 -12.34 24.08 5.02
CA HIS A 320 -11.73 25.05 4.11
C HIS A 320 -12.87 25.72 3.35
N GLY A 321 -13.40 26.77 3.93
CA GLY A 321 -14.56 27.44 3.37
C GLY A 321 -15.26 28.27 4.42
N SER A 322 -16.29 28.97 3.97
CA SER A 322 -16.98 29.90 4.85
C SER A 322 -17.77 29.15 5.92
N GLN A 323 -18.16 29.89 6.96
CA GLN A 323 -18.92 29.31 8.06
C GLN A 323 -20.27 28.81 7.61
N ASP A 324 -20.92 29.56 6.71
CA ASP A 324 -22.22 29.17 6.17
C ASP A 324 -22.16 27.77 5.56
N ARG A 325 -21.16 27.52 4.71
CA ARG A 325 -21.06 26.25 4.03
C ARG A 325 -20.76 25.11 5.01
N LEU A 326 -19.96 25.39 6.04
CA LEU A 326 -19.70 24.40 7.06
C LEU A 326 -20.98 24.01 7.80
N LEU A 327 -21.78 25.01 8.20
CA LEU A 327 -23.00 24.74 8.95
C LEU A 327 -23.97 23.91 8.11
N SER A 328 -24.16 24.29 6.85
CA SER A 328 -25.06 23.52 6.00
C SER A 328 -24.52 22.12 5.76
N LEU A 329 -23.21 21.99 5.52
CA LEU A 329 -22.61 20.68 5.33
C LEU A 329 -22.86 19.81 6.55
N MET A 330 -22.79 20.41 7.74
CA MET A 330 -22.97 19.65 8.97
C MET A 330 -24.41 19.20 9.14
N GLU A 331 -25.36 20.04 8.73
CA GLU A 331 -26.75 19.61 8.78
C GLU A 331 -27.00 18.44 7.83
N LYS A 332 -26.33 18.44 6.67
CA LYS A 332 -26.51 17.30 5.77
C LYS A 332 -25.85 16.03 6.30
N GLU A 333 -24.64 16.15 6.84
CA GLU A 333 -23.87 14.95 7.15
C GLU A 333 -23.98 14.50 8.60
N PHE A 334 -23.93 15.43 9.56
CA PHE A 334 -23.92 15.09 10.98
C PHE A 334 -24.90 15.96 11.75
N PRO A 335 -26.21 15.71 11.60
CA PRO A 335 -27.19 16.46 12.39
C PRO A 335 -27.17 16.14 13.87
N GLU A 336 -26.32 15.20 14.32
CA GLU A 336 -26.31 14.80 15.73
C GLU A 336 -25.49 15.74 16.59
N LEU A 337 -24.43 16.35 16.06
CA LEU A 337 -23.64 17.24 16.90
C LEU A 337 -24.49 18.37 17.47
N GLY A 338 -25.59 18.70 16.80
CA GLY A 338 -26.36 19.86 17.21
C GLY A 338 -25.45 21.06 17.14
N LEU A 339 -24.58 21.09 16.14
CA LEU A 339 -23.53 22.09 16.06
C LEU A 339 -24.19 23.44 15.85
N LEU A 340 -24.24 24.21 16.92
CA LEU A 340 -24.74 25.58 16.84
C LEU A 340 -23.60 26.49 16.43
N ALA A 341 -23.90 27.44 15.54
CA ALA A 341 -22.87 28.25 14.90
C ALA A 341 -21.99 28.97 15.91
N LYS A 342 -22.51 29.24 17.10
CA LYS A 342 -21.77 29.95 18.14
C LYS A 342 -20.57 29.15 18.65
N GLU A 343 -20.37 27.94 18.15
CA GLU A 343 -19.23 27.09 18.49
C GLU A 343 -18.16 27.12 17.42
N CYS A 344 -18.28 28.03 16.46
CA CYS A 344 -17.36 28.10 15.33
C CYS A 344 -16.61 29.42 15.38
N ALA A 345 -15.59 29.50 14.53
CA ALA A 345 -14.80 30.72 14.37
C ALA A 345 -14.22 30.70 12.95
N GLU A 346 -14.77 31.54 12.10
CA GLU A 346 -14.27 31.77 10.76
C GLU A 346 -13.16 32.81 10.78
N GLY A 347 -12.28 32.74 9.78
CA GLY A 347 -11.25 33.76 9.65
C GLY A 347 -10.29 33.38 8.54
N ALA A 348 -9.16 34.09 8.51
CA ALA A 348 -8.09 33.69 7.60
C ALA A 348 -7.56 32.32 8.01
N TRP A 349 -6.80 31.70 7.09
CA TRP A 349 -6.29 30.36 7.34
C TRP A 349 -5.44 30.30 8.60
N VAL A 350 -4.51 31.25 8.76
CA VAL A 350 -3.54 31.20 9.86
C VAL A 350 -4.26 31.27 11.21
N GLN A 351 -5.47 31.83 11.20
CA GLN A 351 -6.23 31.98 12.44
C GLN A 351 -6.64 30.62 12.98
N SER A 352 -6.81 29.62 12.12
CA SER A 352 -7.03 28.25 12.57
C SER A 352 -5.82 27.71 13.33
N ILE A 353 -4.61 27.96 12.83
CA ILE A 353 -3.42 27.55 13.55
C ILE A 353 -3.41 28.18 14.94
N LEU A 354 -3.69 29.49 15.00
CA LEU A 354 -3.73 30.15 16.31
C LEU A 354 -4.81 29.53 17.20
N TYR A 355 -6.00 29.30 16.64
CA TYR A 355 -7.10 28.72 17.40
C TYR A 355 -6.70 27.39 18.02
N PHE A 356 -6.07 26.53 17.24
CA PHE A 356 -5.67 25.21 17.72
C PHE A 356 -4.31 25.20 18.41
N ASN A 357 -3.74 26.36 18.70
CA ASN A 357 -2.54 26.32 19.56
C ASN A 357 -2.66 27.13 20.84
N LEU A 358 -3.33 28.28 20.82
CA LEU A 358 -3.29 29.20 21.97
C LEU A 358 -4.08 28.68 23.17
N SER A 364 -2.66 35.99 20.55
CA SER A 364 -3.84 36.80 20.25
C SER A 364 -3.49 37.95 19.33
N LEU A 365 -2.20 38.23 19.22
CA LEU A 365 -1.72 39.40 18.50
C LEU A 365 -0.93 39.02 17.25
N ASP A 366 -0.82 37.72 16.97
CA ASP A 366 -0.44 37.18 15.66
C ASP A 366 0.96 37.55 15.22
N VAL A 367 1.91 37.53 16.15
CA VAL A 367 3.34 37.51 15.81
C VAL A 367 3.87 36.42 16.72
N LEU A 368 2.93 35.64 17.28
CA LEU A 368 3.21 34.72 18.37
C LEU A 368 3.78 33.40 17.88
N LEU A 369 3.92 33.24 16.56
CA LEU A 369 4.40 32.00 15.95
C LEU A 369 5.91 31.95 15.87
N ASN A 370 6.60 32.97 16.36
CA ASN A 370 8.05 33.01 16.41
C ASN A 370 8.54 32.73 17.83
N ARG A 371 7.64 32.30 18.70
CA ARG A 371 7.96 31.86 20.05
C ARG A 371 7.74 30.36 20.09
N THR A 372 8.79 29.62 20.45
CA THR A 372 8.78 28.16 20.38
C THR A 372 8.57 27.50 21.74
N LEU A 373 7.92 28.20 22.66
CA LEU A 373 7.55 27.67 23.97
C LEU A 373 6.03 27.57 24.01
N ASN A 374 5.52 26.44 24.50
CA ASN A 374 4.10 26.12 24.39
C ASN A 374 3.59 25.56 25.71
N PHE A 375 2.42 24.92 25.62
CA PHE A 375 1.63 24.41 26.74
C PHE A 375 2.45 23.69 27.79
N GLU A 376 1.96 23.68 29.04
CA GLU A 376 2.79 23.54 30.23
C GLU A 376 3.18 22.07 30.42
N TRP A 377 4.44 21.87 30.81
CA TRP A 377 5.11 20.58 30.69
C TRP A 377 4.42 19.48 31.48
N ARG A 378 4.27 18.33 30.84
CA ARG A 378 3.61 17.16 31.41
C ARG A 378 4.16 15.92 30.71
N ALA A 379 4.68 14.98 31.50
CA ALA A 379 5.17 13.72 30.94
C ALA A 379 4.03 12.93 30.31
N PHE A 380 4.37 12.09 29.34
CA PHE A 380 3.34 11.44 28.54
C PHE A 380 3.87 10.20 27.87
N LYS A 381 2.94 9.31 27.51
CA LYS A 381 3.20 8.18 26.63
C LYS A 381 2.03 8.06 25.65
N ILE A 382 2.35 7.69 24.41
CA ILE A 382 1.39 7.66 23.31
C ILE A 382 1.49 6.32 22.57
N LYS A 383 0.34 5.81 22.14
CA LYS A 383 0.27 4.65 21.25
C LYS A 383 -0.77 4.93 20.17
N SER A 384 -0.72 4.16 19.07
CA SER A 384 -1.67 4.38 17.99
C SER A 384 -2.02 3.08 17.30
N ASP A 385 -3.16 3.09 16.61
CA ASP A 385 -3.66 1.95 15.85
C ASP A 385 -4.52 2.45 14.70
N TYR A 386 -4.59 1.66 13.64
CA TYR A 386 -5.37 1.99 12.45
C TYR A 386 -6.65 1.16 12.42
N LEU A 387 -7.78 1.80 12.11
CA LEU A 387 -9.07 1.11 12.12
C LEU A 387 -9.51 0.85 10.69
N LYS A 388 -9.64 -0.43 10.34
CA LYS A 388 -10.15 -0.86 9.04
C LYS A 388 -11.58 -1.34 9.08
N LYS A 389 -12.08 -1.67 10.26
CA LYS A 389 -13.50 -1.93 10.45
C LYS A 389 -13.96 -1.14 11.67
N PRO A 390 -15.17 -0.57 11.63
CA PRO A 390 -15.60 0.30 12.73
C PRO A 390 -15.63 -0.47 14.04
N ILE A 391 -15.24 0.22 15.10
CA ILE A 391 -15.19 -0.41 16.43
C ILE A 391 -16.61 -0.76 16.84
N PRO A 392 -16.90 -2.02 17.22
CA PRO A 392 -18.25 -2.34 17.70
C PRO A 392 -18.60 -1.49 18.91
N ASP A 393 -19.88 -1.10 19.01
CA ASP A 393 -20.28 -0.07 19.95
C ASP A 393 -19.91 -0.44 21.38
N GLN A 394 -20.28 -1.66 21.79
CA GLN A 394 -19.97 -2.09 23.15
C GLN A 394 -18.46 -2.11 23.38
N VAL A 395 -17.70 -2.48 22.35
CA VAL A 395 -16.24 -2.47 22.47
C VAL A 395 -15.71 -1.06 22.69
N LEU A 396 -16.24 -0.08 21.95
CA LEU A 396 -15.79 1.30 22.13
C LEU A 396 -16.16 1.79 23.52
N GLU A 397 -17.35 1.44 23.99
CA GLU A 397 -17.76 1.86 25.32
C GLU A 397 -16.84 1.27 26.38
N ASN A 398 -16.47 0.00 26.23
CA ASN A 398 -15.58 -0.62 27.20
C ASN A 398 -14.16 -0.06 27.13
N LEU A 399 -13.70 0.33 25.92
CA LEU A 399 -12.42 1.02 25.83
C LEU A 399 -12.49 2.37 26.52
N LEU A 400 -13.60 3.09 26.36
CA LEU A 400 -13.73 4.41 26.97
C LEU A 400 -13.80 4.32 28.48
N VAL A 401 -14.41 3.25 29.02
CA VAL A 401 -14.49 3.12 30.48
C VAL A 401 -13.10 3.09 31.10
N LYS A 402 -12.09 2.64 30.35
CA LYS A 402 -10.72 2.61 30.86
C LYS A 402 -10.18 3.99 31.18
N LEU A 403 -10.78 5.05 30.63
CA LEU A 403 -10.35 6.40 30.97
C LEU A 403 -10.56 6.71 32.45
N TYR A 404 -11.54 6.06 33.08
CA TYR A 404 -11.81 6.31 34.50
C TYR A 404 -10.75 5.74 35.42
N GLU A 405 -9.90 4.83 34.93
CA GLU A 405 -8.87 4.21 35.76
C GLU A 405 -7.77 5.16 36.17
N GLU A 406 -7.70 6.36 35.58
CA GLU A 406 -6.57 7.27 35.76
C GLU A 406 -7.08 8.60 36.26
N ASP A 407 -6.14 9.52 36.52
CA ASP A 407 -6.52 10.84 36.99
C ASP A 407 -7.38 11.54 35.94
N ILE A 408 -8.18 12.49 36.42
CA ILE A 408 -9.15 13.17 35.58
C ILE A 408 -8.42 13.92 34.46
N GLY A 409 -8.77 13.59 33.21
CA GLY A 409 -8.26 14.32 32.06
C GLY A 409 -6.78 14.23 31.83
N GLU A 410 -6.12 13.25 32.46
CA GLU A 410 -4.72 12.94 32.18
C GLU A 410 -4.61 11.78 31.23
N THR A 411 -5.73 11.36 30.64
CA THR A 411 -5.81 10.23 29.75
C THR A 411 -6.77 10.51 28.60
N PHE A 412 -6.36 10.15 27.37
CA PHE A 412 -7.01 10.52 26.13
C PHE A 412 -7.18 9.34 25.19
N VAL A 413 -8.31 9.31 24.47
CA VAL A 413 -8.45 8.49 23.26
C VAL A 413 -8.98 9.37 22.13
N GLU A 414 -8.26 9.42 21.00
CA GLU A 414 -8.61 10.35 19.94
C GLU A 414 -8.77 9.63 18.61
N PHE A 415 -9.66 10.19 17.78
CA PHE A 415 -9.88 9.72 16.42
C PHE A 415 -9.43 10.81 15.44
N PHE A 416 -8.48 10.45 14.56
CA PHE A 416 -8.01 11.27 13.43
C PHE A 416 -8.49 10.61 12.14
N PRO A 417 -9.44 11.17 11.40
CA PRO A 417 -10.01 10.44 10.26
C PRO A 417 -9.09 10.40 9.05
N TYR A 418 -9.04 9.23 8.40
CA TYR A 418 -8.21 9.00 7.22
C TYR A 418 -8.99 8.90 5.91
N GLY A 419 -9.76 9.93 5.55
CA GLY A 419 -10.47 9.92 4.28
C GLY A 419 -9.87 10.79 3.19
N GLY A 420 -10.72 11.23 2.27
CA GLY A 420 -10.33 12.27 1.32
C GLY A 420 -9.18 11.89 0.41
N LYS A 421 -8.17 12.78 0.33
CA LYS A 421 -7.02 12.57 -0.54
C LYS A 421 -6.13 11.44 -0.05
N LEU A 422 -6.26 11.06 1.22
CA LEU A 422 -5.49 9.93 1.70
C LEU A 422 -5.93 8.64 1.02
N ASP A 423 -7.15 8.62 0.49
CA ASP A 423 -7.55 7.54 -0.41
C ASP A 423 -6.79 7.61 -1.73
N GLU A 424 -6.60 8.82 -2.28
CA GLU A 424 -6.09 8.96 -3.63
C GLU A 424 -4.64 8.55 -3.79
N ILE A 425 -3.84 8.63 -2.73
CA ILE A 425 -2.39 8.47 -2.84
C ILE A 425 -2.00 7.03 -2.52
N SER A 426 -1.21 6.44 -3.42
CA SER A 426 -0.80 5.04 -3.32
C SER A 426 0.07 4.81 -2.09
N GLU A 427 0.01 3.59 -1.53
CA GLU A 427 0.84 3.28 -0.37
C GLU A 427 2.32 3.36 -0.68
N SER A 428 2.70 3.19 -1.94
CA SER A 428 4.09 3.20 -2.34
C SER A 428 4.56 4.56 -2.82
N GLU A 429 3.67 5.56 -2.80
CA GLU A 429 4.03 6.88 -3.30
C GLU A 429 5.15 7.51 -2.48
N ILE A 430 5.03 7.42 -1.16
CA ILE A 430 6.13 7.75 -0.25
C ILE A 430 6.10 6.64 0.80
N PRO A 431 7.11 6.56 1.68
CA PRO A 431 7.17 5.42 2.62
C PRO A 431 5.93 5.23 3.49
N CYS A 432 5.12 6.25 3.76
CA CYS A 432 3.95 6.05 4.60
C CYS A 432 2.93 5.17 3.89
N PRO A 433 2.55 4.04 4.45
CA PRO A 433 1.66 3.08 3.77
C PRO A 433 0.18 3.16 4.14
N HIS A 434 -0.22 4.01 5.08
CA HIS A 434 -1.58 3.92 5.62
C HIS A 434 -2.46 4.91 4.86
N ARG A 435 -3.00 4.46 3.72
CA ARG A 435 -3.68 5.37 2.79
C ARG A 435 -5.15 5.05 2.59
N ALA A 436 -5.48 3.88 2.04
CA ALA A 436 -6.80 3.63 1.46
C ALA A 436 -7.42 2.42 2.12
N GLY A 437 -8.69 2.56 2.53
CA GLY A 437 -9.34 1.59 3.39
C GLY A 437 -9.23 1.89 4.87
N ASN A 438 -8.44 2.88 5.25
CA ASN A 438 -8.35 3.28 6.65
C ASN A 438 -9.48 4.24 6.98
N LEU A 439 -10.30 3.86 7.96
CA LEU A 439 -11.35 4.76 8.46
C LEU A 439 -10.75 5.88 9.29
N TYR A 440 -9.85 5.54 10.21
CA TYR A 440 -9.24 6.56 11.06
C TYR A 440 -8.07 5.96 11.83
N ASN A 441 -7.38 6.85 12.54
CA ASN A 441 -6.20 6.56 13.35
C ASN A 441 -6.59 6.84 14.79
N LEU A 442 -6.73 5.76 15.56
CA LEU A 442 -6.99 5.87 16.98
C LEU A 442 -5.68 6.10 17.73
N ARG A 443 -5.67 7.09 18.61
CA ARG A 443 -4.51 7.42 19.41
C ARG A 443 -4.85 7.24 20.88
N TYR A 444 -4.03 6.48 21.58
CA TYR A 444 -4.08 6.35 23.04
C TYR A 444 -3.04 7.28 23.65
N MET A 445 -3.41 7.99 24.72
CA MET A 445 -2.44 8.92 25.31
C MET A 445 -2.64 8.95 26.81
N VAL A 446 -1.54 8.93 27.57
CA VAL A 446 -1.64 9.10 29.02
C VAL A 446 -0.56 10.09 29.48
N LEU A 447 -0.94 10.96 30.41
CA LEU A 447 -0.13 12.08 30.86
C LEU A 447 0.00 12.05 32.39
N TRP A 448 1.03 12.73 32.90
CA TRP A 448 1.26 12.84 34.35
C TRP A 448 2.27 13.97 34.58
N LYS A 449 2.56 14.23 35.86
CA LYS A 449 3.47 15.30 36.27
C LYS A 449 4.73 14.72 36.90
N GLU A 450 5.62 15.62 37.34
CA GLU A 450 6.96 15.22 37.76
C GLU A 450 6.96 14.36 39.02
N GLY A 451 5.97 14.53 39.89
CA GLY A 451 5.91 13.74 41.11
C GLY A 451 5.85 12.25 40.85
N GLN A 452 6.94 11.55 41.16
CA GLN A 452 7.06 10.12 40.92
C GLN A 452 7.29 9.37 42.23
N ASN A 453 6.55 8.26 42.40
CA ASN A 453 6.96 7.20 43.30
C ASN A 453 7.26 5.91 42.55
N ALA A 454 7.14 5.94 41.22
CA ALA A 454 7.49 4.88 40.28
C ALA A 454 6.49 3.74 40.35
N THR A 455 5.63 3.75 41.36
CA THR A 455 4.45 2.91 41.34
C THR A 455 3.35 3.58 40.53
N ALA A 456 3.29 4.92 40.59
CA ALA A 456 2.41 5.67 39.71
C ALA A 456 2.88 5.61 38.27
N VAL A 457 4.19 5.78 38.05
CA VAL A 457 4.70 5.79 36.68
C VAL A 457 4.56 4.40 36.05
N ASN A 458 4.78 3.34 36.82
CA ASN A 458 4.53 2.01 36.28
C ASN A 458 3.04 1.84 35.96
N LYS A 459 2.18 2.46 36.76
CA LYS A 459 0.73 2.33 36.58
C LYS A 459 0.25 2.95 35.27
N HIS A 460 0.78 4.13 34.93
CA HIS A 460 0.33 4.82 33.72
C HIS A 460 0.68 4.01 32.47
N LEU A 461 1.90 3.48 32.42
CA LEU A 461 2.30 2.66 31.28
C LEU A 461 1.45 1.40 31.20
N SER A 462 1.16 0.77 32.34
CA SER A 462 0.31 -0.41 32.32
C SER A 462 -1.08 -0.07 31.79
N TRP A 463 -1.60 1.11 32.16
CA TRP A 463 -2.88 1.55 31.60
C TRP A 463 -2.81 1.63 30.07
N ILE A 464 -1.76 2.26 29.54
CA ILE A 464 -1.69 2.46 28.09
C ILE A 464 -1.58 1.10 27.37
N ARG A 465 -0.77 0.19 27.92
CA ARG A 465 -0.61 -1.12 27.31
C ARG A 465 -1.90 -1.94 27.39
N ARG A 466 -2.62 -1.84 28.51
CA ARG A 466 -3.88 -2.58 28.64
C ARG A 466 -4.92 -2.09 27.62
N ALA A 467 -5.05 -0.77 27.45
CA ALA A 467 -5.99 -0.28 26.45
C ALA A 467 -5.63 -0.80 25.06
N TYR A 468 -4.34 -0.73 24.71
CA TYR A 468 -3.87 -1.26 23.43
C TYR A 468 -4.22 -2.74 23.25
N ASN A 469 -3.86 -3.56 24.23
CA ASN A 469 -4.02 -4.99 24.11
C ASN A 469 -5.49 -5.39 24.08
N TYR A 470 -6.35 -4.65 24.79
CA TYR A 470 -7.77 -4.89 24.66
C TYR A 470 -8.26 -4.53 23.27
N MET A 471 -7.75 -3.44 22.69
CA MET A 471 -8.25 -3.09 21.37
C MET A 471 -7.74 -4.03 20.26
N THR A 472 -6.70 -4.82 20.53
CA THR A 472 -6.09 -5.73 19.54
C THR A 472 -7.02 -6.41 18.52
N PRO A 473 -8.04 -7.19 18.93
CA PRO A 473 -8.81 -7.97 17.92
C PRO A 473 -9.68 -7.12 17.01
N TYR A 474 -9.77 -5.81 17.24
CA TYR A 474 -10.72 -4.96 16.53
C TYR A 474 -10.06 -3.92 15.64
N VAL A 475 -8.74 -3.98 15.47
CA VAL A 475 -7.97 -3.00 14.74
C VAL A 475 -7.15 -3.75 13.69
N SER A 476 -6.35 -3.00 12.93
CA SER A 476 -5.51 -3.61 11.91
C SER A 476 -4.63 -4.67 12.53
N LYS A 477 -4.46 -5.79 11.82
CA LYS A 477 -3.98 -7.01 12.46
C LYS A 477 -2.58 -7.42 12.02
N ASN A 478 -2.36 -7.64 10.73
CA ASN A 478 -1.11 -8.21 10.24
C ASN A 478 -0.66 -7.46 9.00
N PRO A 479 0.12 -6.38 9.18
CA PRO A 479 0.61 -5.85 10.45
C PRO A 479 -0.38 -4.97 11.19
N ARG A 480 -0.10 -4.72 12.46
CA ARG A 480 -0.89 -3.78 13.25
C ARG A 480 -0.38 -2.37 13.00
N GLY A 481 -1.17 -1.58 12.28
CA GLY A 481 -0.66 -0.31 11.79
C GLY A 481 -0.26 0.62 12.91
N ALA A 482 0.70 1.48 12.61
CA ALA A 482 1.20 2.48 13.55
C ALA A 482 1.78 3.64 12.75
N PHE A 483 1.40 4.86 13.11
CA PHE A 483 1.82 6.05 12.40
C PHE A 483 3.18 6.51 12.92
N LEU A 484 4.10 6.81 12.00
CA LEU A 484 5.49 7.06 12.37
C LEU A 484 5.63 8.32 13.22
N ASN A 485 4.85 9.36 12.91
CA ASN A 485 4.89 10.55 13.74
C ASN A 485 4.49 10.25 15.18
N PHE A 486 3.70 9.20 15.42
CA PHE A 486 3.38 8.77 16.78
C PHE A 486 4.33 7.65 17.20
N ARG A 487 5.58 8.03 17.45
CA ARG A 487 6.60 7.03 17.72
C ARG A 487 6.30 6.26 18.99
N ASP A 488 6.56 4.95 18.94
CA ASP A 488 6.13 4.02 19.98
C ASP A 488 7.08 2.83 19.98
N LEU A 489 8.06 2.84 20.90
CA LEU A 489 9.06 1.78 20.92
C LEU A 489 8.48 0.42 21.30
N ASP A 490 7.27 0.39 21.86
CA ASP A 490 6.65 -0.89 22.20
C ASP A 490 6.35 -1.70 20.96
N ILE A 491 6.16 -1.02 19.82
CA ILE A 491 5.86 -1.70 18.57
C ILE A 491 6.98 -2.66 18.20
N GLY A 492 8.18 -2.40 18.65
CA GLY A 492 9.35 -3.20 18.33
C GLY A 492 10.49 -2.24 18.08
N THR A 493 11.71 -2.76 18.21
CA THR A 493 12.91 -1.94 18.06
C THR A 493 14.03 -2.80 17.48
N ASN A 494 15.14 -2.14 17.20
CA ASN A 494 16.36 -2.81 16.73
C ASN A 494 17.17 -3.29 17.92
N PRO A 495 17.95 -4.35 17.76
CA PRO A 495 18.78 -4.82 18.88
C PRO A 495 19.90 -3.83 19.17
N ASN A 496 20.30 -3.80 20.44
CA ASN A 496 21.40 -2.94 20.87
C ASN A 496 22.56 -3.79 21.39
N ASN A 505 17.58 -12.91 14.17
CA ASN A 505 17.97 -12.32 12.89
C ASN A 505 17.82 -10.79 12.91
N TYR A 506 18.67 -10.14 12.11
CA TYR A 506 18.68 -8.68 12.01
C TYR A 506 17.42 -8.15 11.33
N ILE A 507 17.22 -8.52 10.07
CA ILE A 507 16.07 -8.03 9.32
C ILE A 507 14.77 -8.65 9.83
N LYS A 508 14.80 -9.91 10.28
CA LYS A 508 13.60 -10.51 10.85
C LYS A 508 13.08 -9.64 12.00
N GLN A 509 13.95 -9.33 12.96
CA GLN A 509 13.52 -8.56 14.12
C GLN A 509 13.13 -7.13 13.73
N ALA A 510 13.89 -6.51 12.82
CA ALA A 510 13.55 -5.15 12.45
C ALA A 510 12.22 -5.07 11.70
N SER A 511 11.87 -6.13 10.95
CA SER A 511 10.58 -6.15 10.25
C SER A 511 9.42 -6.06 11.21
N ASN A 512 9.60 -6.51 12.46
CA ASN A 512 8.54 -6.47 13.46
C ASN A 512 7.98 -5.06 13.61
N TRP A 513 8.85 -4.08 13.85
CA TRP A 513 8.37 -2.70 13.93
C TRP A 513 8.21 -2.07 12.55
N GLY A 514 9.02 -2.50 11.57
CA GLY A 514 8.98 -1.88 10.26
C GLY A 514 7.65 -2.04 9.57
N THR A 515 7.14 -3.27 9.51
CA THR A 515 5.88 -3.53 8.82
C THR A 515 4.72 -2.78 9.45
N LYS A 516 4.80 -2.52 10.76
CA LYS A 516 3.77 -1.71 11.41
C LYS A 516 3.90 -0.23 11.04
N TYR A 517 5.13 0.28 11.02
CA TYR A 517 5.32 1.65 10.54
C TYR A 517 5.15 1.73 9.02
N PHE A 518 5.76 0.81 8.29
CA PHE A 518 5.80 0.83 6.83
C PHE A 518 5.37 -0.54 6.38
N LYS A 519 4.17 -0.64 5.78
CA LYS A 519 3.57 -1.96 5.60
C LYS A 519 4.48 -2.86 4.78
N ASN A 520 4.71 -2.53 3.51
CA ASN A 520 5.72 -3.23 2.73
C ASN A 520 6.83 -2.33 2.24
N ASN A 521 6.65 -1.01 2.28
CA ASN A 521 7.69 -0.08 1.89
C ASN A 521 8.95 -0.28 2.74
N PHE A 522 8.78 -0.79 3.97
CA PHE A 522 9.91 -1.04 4.83
C PHE A 522 10.95 -1.88 4.11
N TYR A 523 10.51 -2.86 3.34
CA TYR A 523 11.47 -3.69 2.63
C TYR A 523 12.22 -2.88 1.59
N LYS A 524 11.50 -2.12 0.76
CA LYS A 524 12.20 -1.22 -0.15
C LYS A 524 13.13 -0.31 0.63
N LEU A 525 12.67 0.15 1.80
CA LEU A 525 13.48 1.05 2.63
C LEU A 525 14.84 0.42 2.92
N ILE A 526 14.86 -0.84 3.33
CA ILE A 526 16.15 -1.42 3.69
C ILE A 526 17.05 -1.46 2.48
N TYR A 527 16.48 -1.74 1.30
CA TYR A 527 17.27 -1.75 0.09
C TYR A 527 17.98 -0.42 -0.10
N VAL A 528 17.24 0.68 -0.03
CA VAL A 528 17.88 1.97 -0.27
C VAL A 528 18.92 2.24 0.80
N LYS A 529 18.65 1.81 2.04
CA LYS A 529 19.61 2.03 3.11
C LYS A 529 20.94 1.36 2.77
N THR A 530 20.90 0.13 2.27
CA THR A 530 22.13 -0.56 1.93
C THR A 530 22.87 0.19 0.82
N ILE A 531 22.14 0.82 -0.08
CA ILE A 531 22.80 1.63 -1.10
C ILE A 531 23.41 2.88 -0.47
N VAL A 532 22.70 3.50 0.47
CA VAL A 532 23.05 4.84 0.90
C VAL A 532 23.98 4.82 2.09
N ASP A 533 23.64 4.04 3.11
CA ASP A 533 24.44 3.92 4.34
C ASP A 533 24.63 2.45 4.67
N PRO A 534 25.44 1.74 3.87
CA PRO A 534 25.59 0.29 4.12
C PRO A 534 26.15 -0.05 5.49
N THR A 535 27.04 0.79 6.04
CA THR A 535 27.66 0.54 7.33
C THR A 535 26.76 0.89 8.51
N ASN A 536 25.55 1.40 8.26
CA ASN A 536 24.60 1.75 9.31
C ASN A 536 25.18 2.76 10.31
N PHE A 537 25.86 3.79 9.82
CA PHE A 537 26.30 4.85 10.73
C PHE A 537 25.10 5.58 11.33
N PHE A 538 24.09 5.85 10.50
CA PHE A 538 22.87 6.53 10.95
C PHE A 538 21.95 5.49 11.55
N THR A 539 22.15 5.21 12.83
CA THR A 539 21.44 4.13 13.51
C THR A 539 20.82 4.63 14.80
N TYR A 540 19.63 4.13 15.11
CA TYR A 540 18.95 4.44 16.38
C TYR A 540 17.93 3.34 16.69
N GLU A 541 17.04 3.63 17.66
CA GLU A 541 16.18 2.58 18.22
C GLU A 541 15.26 1.96 17.17
N GLN A 542 14.82 2.76 16.20
CA GLN A 542 13.87 2.31 15.18
C GLN A 542 14.33 2.78 13.80
N SER A 543 15.60 2.56 13.51
CA SER A 543 16.21 2.93 12.24
C SER A 543 16.22 1.75 11.27
N ILE A 544 16.07 2.05 9.99
CA ILE A 544 16.07 1.00 8.96
C ILE A 544 17.42 0.27 8.96
N PRO A 545 17.42 -1.05 9.06
CA PRO A 545 18.67 -1.82 9.06
C PRO A 545 19.25 -1.95 7.66
N SER A 546 20.51 -2.40 7.62
CA SER A 546 21.25 -2.62 6.38
C SER A 546 21.39 -4.10 6.06
N LEU A 547 21.30 -4.44 4.78
CA LEU A 547 21.43 -5.82 4.34
C LEU A 547 22.83 -6.38 4.57
N LEU A 548 23.85 -5.55 4.44
CA LEU A 548 25.21 -5.97 4.72
C LEU A 548 25.38 -6.19 6.22
N PRO A 549 26.19 -7.20 6.63
CA PRO A 549 26.08 -7.72 8.01
C PRO A 549 26.23 -6.71 9.13
N HIS A 550 27.36 -6.03 9.24
CA HIS A 550 27.55 -5.16 10.39
C HIS A 550 27.42 -3.69 10.02
N SER B 32 20.98 -38.20 -18.77
CA SER B 32 21.49 -38.58 -17.45
C SER B 32 20.44 -38.36 -16.38
N PHE B 33 19.64 -37.32 -16.59
CA PHE B 33 18.67 -36.87 -15.58
C PHE B 33 17.56 -37.89 -15.36
N LEU B 34 17.07 -38.52 -16.43
CA LEU B 34 15.90 -39.40 -16.30
C LEU B 34 16.19 -40.63 -15.45
N GLU B 35 17.42 -41.13 -15.47
CA GLU B 35 17.78 -42.23 -14.57
C GLU B 35 17.57 -41.84 -13.12
N CYS B 36 17.93 -40.61 -12.76
CA CYS B 36 17.70 -40.14 -11.40
C CYS B 36 16.23 -40.22 -11.00
N LEU B 37 15.33 -39.80 -11.89
CA LEU B 37 13.92 -39.75 -11.53
C LEU B 37 13.35 -41.14 -11.29
N THR B 38 13.48 -42.03 -12.27
CA THR B 38 12.90 -43.37 -12.16
C THR B 38 13.51 -44.16 -11.02
N THR B 39 14.81 -43.98 -10.78
CA THR B 39 15.45 -44.69 -9.68
C THR B 39 14.87 -44.23 -8.34
N ARG B 40 14.56 -42.93 -8.23
CA ARG B 40 14.00 -42.43 -6.98
C ARG B 40 12.64 -43.05 -6.73
N ILE B 41 11.68 -42.79 -7.63
CA ILE B 41 10.38 -43.44 -7.63
C ILE B 41 10.14 -44.10 -8.98
N GLU B 51 8.58 -44.98 -13.51
CA GLU B 51 7.41 -45.66 -14.05
C GLU B 51 7.01 -45.15 -15.42
N SER B 52 5.71 -45.21 -15.69
CA SER B 52 5.13 -44.71 -16.95
C SER B 52 4.57 -43.31 -16.77
N ILE B 53 5.22 -42.51 -15.94
CA ILE B 53 4.87 -41.09 -15.77
C ILE B 53 5.90 -40.19 -16.41
N ILE B 54 6.99 -40.76 -16.92
CA ILE B 54 8.07 -40.04 -17.56
C ILE B 54 7.86 -40.13 -19.07
N TYR B 55 7.73 -38.98 -19.73
CA TYR B 55 7.45 -38.91 -21.16
C TYR B 55 8.64 -38.27 -21.86
N THR B 56 9.56 -39.10 -22.36
CA THR B 56 10.67 -38.60 -23.14
C THR B 56 10.20 -38.32 -24.57
N LYS B 57 11.07 -37.64 -25.35
CA LYS B 57 10.68 -37.30 -26.71
C LYS B 57 10.36 -38.54 -27.55
N ASP B 58 11.04 -39.65 -27.28
CA ASP B 58 10.75 -40.89 -28.01
C ASP B 58 9.36 -41.44 -27.69
N ASN B 59 8.85 -41.17 -26.49
CA ASN B 59 7.66 -41.86 -26.01
C ASN B 59 6.46 -41.52 -26.90
N PRO B 60 5.72 -42.52 -27.38
CA PRO B 60 4.71 -42.27 -28.44
C PRO B 60 3.65 -41.25 -28.07
N SER B 61 3.46 -40.96 -26.78
CA SER B 61 2.48 -39.96 -26.34
C SER B 61 3.13 -38.64 -25.96
N TYR B 62 4.37 -38.40 -26.41
CA TYR B 62 5.06 -37.14 -26.14
C TYR B 62 4.40 -35.88 -26.69
N SER B 63 4.32 -35.78 -28.03
CA SER B 63 3.88 -34.52 -28.65
C SER B 63 2.47 -34.17 -28.22
N THR B 64 1.59 -35.17 -28.17
CA THR B 64 0.20 -34.92 -27.80
C THR B 64 0.10 -34.33 -26.40
N ILE B 65 0.99 -34.73 -25.49
CA ILE B 65 1.03 -34.08 -24.19
C ILE B 65 1.44 -32.62 -24.34
N LEU B 66 2.54 -32.40 -25.05
CA LEU B 66 3.15 -31.07 -25.10
C LEU B 66 2.21 -30.04 -25.72
N ASN B 67 1.56 -30.39 -26.84
CA ASN B 67 0.68 -29.43 -27.49
C ASN B 67 -0.56 -29.15 -26.66
N SER B 68 -0.99 -30.13 -25.84
CA SER B 68 -2.35 -30.08 -25.31
C SER B 68 -2.58 -28.83 -24.46
N THR B 69 -1.58 -28.41 -23.70
CA THR B 69 -1.69 -27.17 -22.93
C THR B 69 -0.54 -26.20 -23.22
N SER B 70 -0.04 -26.19 -24.46
CA SER B 70 0.77 -25.09 -24.97
C SER B 70 -0.19 -24.19 -25.75
N LEU B 71 -0.88 -23.32 -25.02
CA LEU B 71 -2.12 -22.71 -25.47
C LEU B 71 -1.93 -21.39 -26.21
N ASN B 72 -0.69 -21.02 -26.56
CA ASN B 72 -0.45 -19.82 -27.35
C ASN B 72 0.20 -20.23 -28.67
N PRO B 73 -0.57 -20.38 -29.74
CA PRO B 73 0.02 -20.78 -31.04
C PRO B 73 0.97 -19.76 -31.64
N ARG B 74 1.24 -18.64 -30.97
CA ARG B 74 2.31 -17.75 -31.42
C ARG B 74 3.69 -18.36 -31.19
N PHE B 75 3.82 -19.28 -30.23
CA PHE B 75 5.11 -19.87 -29.89
C PHE B 75 5.30 -21.24 -30.51
N PHE B 76 4.36 -21.70 -31.35
CA PHE B 76 4.50 -23.00 -31.98
C PHE B 76 5.77 -23.17 -32.81
N PRO B 77 6.17 -22.22 -33.66
CA PRO B 77 7.39 -22.44 -34.47
C PRO B 77 8.68 -22.29 -33.68
N SER B 78 8.59 -21.98 -32.39
CA SER B 78 9.79 -21.73 -31.61
C SER B 78 10.58 -23.02 -31.41
N SER B 79 11.90 -22.89 -31.37
CA SER B 79 12.82 -24.00 -31.17
C SER B 79 13.16 -24.21 -29.69
N ALA B 80 12.50 -23.48 -28.80
CA ALA B 80 12.72 -23.60 -27.37
C ALA B 80 11.56 -24.29 -26.66
N ARG B 81 10.55 -24.71 -27.40
CA ARG B 81 9.35 -25.32 -26.84
C ARG B 81 9.46 -26.83 -26.71
N TYR B 82 10.63 -27.42 -26.99
CA TYR B 82 10.80 -28.86 -26.89
C TYR B 82 11.65 -29.19 -25.66
N PRO B 83 11.04 -29.63 -24.56
CA PRO B 83 11.83 -30.04 -23.40
C PRO B 83 12.37 -31.45 -23.57
N LEU B 84 13.35 -31.77 -22.71
CA LEU B 84 13.85 -33.12 -22.65
C LEU B 84 12.78 -34.09 -22.16
N LEU B 85 11.96 -33.66 -21.21
CA LEU B 85 11.08 -34.60 -20.53
C LEU B 85 9.89 -33.88 -19.91
N ILE B 86 8.83 -34.65 -19.65
CA ILE B 86 7.61 -34.14 -19.02
C ILE B 86 7.18 -35.12 -17.92
N VAL B 87 7.02 -34.61 -16.70
CA VAL B 87 6.50 -35.40 -15.59
C VAL B 87 5.09 -34.91 -15.26
N THR B 88 4.15 -35.83 -15.14
CA THR B 88 2.80 -35.51 -14.71
C THR B 88 2.55 -36.16 -13.35
N PRO B 89 3.04 -35.57 -12.26
CA PRO B 89 2.97 -36.24 -10.95
C PRO B 89 1.55 -36.53 -10.51
N LEU B 90 1.41 -37.64 -9.77
CA LEU B 90 0.16 -37.99 -9.12
C LEU B 90 0.20 -37.82 -7.61
N HIS B 91 1.39 -37.80 -7.02
CA HIS B 91 1.56 -37.59 -5.59
C HIS B 91 2.72 -36.63 -5.39
N ALA B 92 2.80 -36.05 -4.19
CA ALA B 92 3.88 -35.12 -3.89
C ALA B 92 5.25 -35.78 -3.92
N SER B 93 5.31 -37.11 -3.77
CA SER B 93 6.58 -37.81 -3.86
C SER B 93 7.20 -37.64 -5.24
N HIS B 94 6.36 -37.70 -6.28
CA HIS B 94 6.84 -37.45 -7.63
C HIS B 94 7.37 -36.04 -7.79
N VAL B 95 6.67 -35.06 -7.21
CA VAL B 95 7.12 -33.67 -7.33
C VAL B 95 8.47 -33.50 -6.64
N GLN B 96 8.62 -34.09 -5.45
CA GLN B 96 9.89 -34.03 -4.74
C GLN B 96 11.00 -34.71 -5.54
N ALA B 97 10.72 -35.87 -6.12
CA ALA B 97 11.72 -36.56 -6.92
C ALA B 97 12.15 -35.71 -8.11
N THR B 98 11.19 -35.07 -8.78
CA THR B 98 11.50 -34.23 -9.93
C THR B 98 12.36 -33.03 -9.52
N VAL B 99 11.98 -32.36 -8.43
CA VAL B 99 12.77 -31.21 -7.96
C VAL B 99 14.18 -31.66 -7.59
N HIS B 100 14.28 -32.75 -6.83
CA HIS B 100 15.57 -33.30 -6.41
C HIS B 100 16.47 -33.57 -7.62
N CYS B 101 15.95 -34.31 -8.60
CA CYS B 101 16.77 -34.69 -9.74
C CYS B 101 17.10 -33.51 -10.63
N ALA B 102 16.12 -32.65 -10.92
CA ALA B 102 16.37 -31.51 -11.79
C ALA B 102 17.36 -30.53 -11.18
N LYS B 103 17.33 -30.35 -9.85
CA LYS B 103 18.36 -29.50 -9.24
C LYS B 103 19.72 -30.17 -9.27
N LYS B 104 19.79 -31.47 -8.95
CA LYS B 104 21.09 -32.10 -8.82
C LYS B 104 21.76 -32.41 -10.16
N HIS B 105 21.06 -32.25 -11.28
CA HIS B 105 21.64 -32.59 -12.58
C HIS B 105 21.57 -31.44 -13.57
N GLY B 106 21.40 -30.21 -13.08
CA GLY B 106 21.45 -29.03 -13.94
C GLY B 106 20.25 -28.82 -14.83
N ILE B 107 19.15 -29.50 -14.58
CA ILE B 107 17.94 -29.38 -15.39
C ILE B 107 17.07 -28.27 -14.84
N GLN B 108 16.42 -27.52 -15.74
CA GLN B 108 15.46 -26.51 -15.35
C GLN B 108 14.06 -27.11 -15.35
N ILE B 109 13.18 -26.56 -14.52
CA ILE B 109 11.83 -27.06 -14.35
C ILE B 109 10.86 -26.00 -14.86
N ARG B 110 9.89 -26.44 -15.65
CA ARG B 110 8.82 -25.57 -16.13
C ARG B 110 7.52 -26.08 -15.54
N ILE B 111 7.03 -25.37 -14.54
CA ILE B 111 5.83 -25.77 -13.81
C ILE B 111 4.61 -25.46 -14.68
N ARG B 112 3.69 -26.42 -14.79
CA ARG B 112 2.53 -26.20 -15.64
C ARG B 112 1.25 -26.70 -14.99
N SER B 113 0.25 -25.83 -14.91
CA SER B 113 -1.11 -26.21 -14.55
C SER B 113 -2.02 -26.28 -15.77
N GLY B 114 -2.15 -25.16 -16.48
CA GLY B 114 -3.02 -25.09 -17.64
C GLY B 114 -2.36 -24.61 -18.92
N GLY B 115 -1.21 -23.94 -18.79
CA GLY B 115 -0.53 -23.45 -19.98
C GLY B 115 -1.04 -22.13 -20.52
N HIS B 116 -1.83 -21.39 -19.75
CA HIS B 116 -2.42 -20.14 -20.23
C HIS B 116 -1.47 -18.97 -20.17
N ASP B 117 -0.24 -19.16 -19.69
CA ASP B 117 0.76 -18.10 -19.70
C ASP B 117 0.76 -17.38 -21.03
N TYR B 118 0.47 -16.07 -20.99
CA TYR B 118 0.37 -15.31 -22.22
C TYR B 118 1.67 -15.35 -23.02
N GLU B 119 2.81 -15.36 -22.32
CA GLU B 119 4.11 -15.47 -22.96
C GLU B 119 4.62 -16.91 -22.99
N GLY B 120 3.77 -17.87 -22.63
CA GLY B 120 4.10 -19.28 -22.78
C GLY B 120 5.31 -19.76 -22.00
N LEU B 121 5.62 -19.10 -20.88
CA LEU B 121 6.80 -19.47 -20.10
C LEU B 121 6.68 -20.86 -19.50
N SER B 122 5.46 -21.36 -19.29
CA SER B 122 5.26 -22.64 -18.63
C SER B 122 5.56 -23.85 -19.51
N TYR B 123 5.82 -23.67 -20.81
CA TYR B 123 6.10 -24.84 -21.63
C TYR B 123 7.29 -24.65 -22.58
N MET B 124 8.20 -23.72 -22.29
CA MET B 124 9.33 -23.50 -23.17
C MET B 124 10.45 -22.86 -22.36
N SER B 125 11.67 -23.05 -22.84
CA SER B 125 12.85 -22.39 -22.26
C SER B 125 13.99 -22.49 -23.25
N ASN B 126 14.96 -21.58 -23.09
CA ASN B 126 16.18 -21.57 -23.88
C ASN B 126 17.26 -22.48 -23.31
N VAL B 127 16.95 -23.19 -22.23
CA VAL B 127 17.89 -24.06 -21.55
C VAL B 127 17.29 -25.47 -21.58
N THR B 128 18.15 -26.47 -21.40
CA THR B 128 17.65 -27.83 -21.23
C THR B 128 16.66 -27.82 -20.09
N PHE B 129 15.38 -28.03 -20.39
CA PHE B 129 14.34 -27.94 -19.40
C PHE B 129 13.43 -29.17 -19.50
N ALA B 130 12.65 -29.37 -18.44
CA ALA B 130 11.62 -30.40 -18.42
C ALA B 130 10.37 -29.82 -17.78
N ILE B 131 9.21 -30.23 -18.29
CA ILE B 131 7.94 -29.69 -17.83
C ILE B 131 7.42 -30.58 -16.72
N VAL B 132 7.09 -30.00 -15.58
CA VAL B 132 6.38 -30.71 -14.54
C VAL B 132 4.93 -30.28 -14.66
N ASP B 133 4.14 -31.10 -15.34
CA ASP B 133 2.75 -30.80 -15.62
C ASP B 133 1.85 -31.40 -14.53
N LEU B 134 1.02 -30.56 -13.94
CA LEU B 134 0.16 -30.96 -12.84
C LEU B 134 -1.20 -31.44 -13.33
N ARG B 135 -1.30 -31.79 -14.62
CA ARG B 135 -2.52 -32.32 -15.23
C ARG B 135 -3.26 -33.30 -14.34
N ASN B 136 -2.56 -34.34 -13.91
CA ASN B 136 -3.13 -35.42 -13.12
C ASN B 136 -3.02 -35.18 -11.62
N LEU B 137 -2.80 -33.93 -11.20
CA LEU B 137 -2.92 -33.50 -9.81
C LEU B 137 -4.08 -32.50 -9.75
N SER B 138 -5.31 -33.01 -9.65
CA SER B 138 -6.45 -32.11 -9.79
C SER B 138 -7.63 -32.38 -8.86
N SER B 139 -7.45 -33.02 -7.72
CA SER B 139 -8.60 -33.36 -6.88
C SER B 139 -9.18 -32.10 -6.24
N ILE B 140 -10.51 -32.07 -6.11
CA ILE B 140 -11.23 -30.93 -5.57
C ILE B 140 -12.13 -31.43 -4.45
N ASP B 141 -12.05 -30.79 -3.30
CA ASP B 141 -12.79 -31.17 -2.10
C ASP B 141 -13.56 -29.95 -1.63
N VAL B 142 -14.88 -29.97 -1.77
CA VAL B 142 -15.74 -28.83 -1.49
C VAL B 142 -16.32 -28.96 -0.09
N ASP B 143 -16.30 -27.87 0.66
CA ASP B 143 -16.83 -27.80 2.02
C ASP B 143 -17.87 -26.69 2.01
N VAL B 144 -19.12 -27.09 1.81
CA VAL B 144 -20.25 -26.16 1.79
C VAL B 144 -20.46 -25.55 3.17
N LYS B 145 -20.33 -26.37 4.22
CA LYS B 145 -20.59 -25.89 5.57
C LYS B 145 -19.59 -24.85 6.02
N ARG B 146 -18.30 -25.07 5.74
CA ARG B 146 -17.25 -24.13 6.11
C ARG B 146 -16.94 -23.10 5.03
N LYS B 147 -17.63 -23.14 3.89
CA LYS B 147 -17.44 -22.17 2.81
C LYS B 147 -16.00 -22.16 2.31
N SER B 148 -15.45 -23.34 2.05
CA SER B 148 -14.06 -23.40 1.59
C SER B 148 -13.83 -24.67 0.78
N ALA B 149 -12.81 -24.64 -0.07
CA ALA B 149 -12.55 -25.79 -0.92
C ALA B 149 -11.05 -26.03 -1.04
N TRP B 150 -10.66 -27.30 -0.98
CA TRP B 150 -9.27 -27.69 -1.22
C TRP B 150 -9.20 -28.14 -2.67
N VAL B 151 -8.58 -27.33 -3.52
CA VAL B 151 -8.48 -27.60 -4.95
C VAL B 151 -7.01 -27.82 -5.26
N GLN B 152 -6.68 -29.00 -5.78
CA GLN B 152 -5.33 -29.23 -6.25
C GLN B 152 -5.07 -28.42 -7.52
N SER B 153 -3.86 -27.86 -7.61
CA SER B 153 -3.62 -26.74 -8.52
C SER B 153 -3.67 -27.11 -10.00
N GLY B 154 -3.60 -28.39 -10.35
CA GLY B 154 -3.71 -28.73 -11.75
C GLY B 154 -5.11 -28.76 -12.29
N ALA B 155 -6.10 -28.44 -11.46
CA ALA B 155 -7.49 -28.33 -11.88
C ALA B 155 -7.74 -27.00 -12.60
N THR B 156 -8.64 -27.04 -13.57
CA THR B 156 -9.07 -25.83 -14.24
C THR B 156 -10.11 -25.09 -13.40
N LEU B 157 -10.30 -23.80 -13.71
CA LEU B 157 -11.29 -23.02 -12.98
C LEU B 157 -12.71 -23.45 -13.30
N GLY B 158 -12.93 -23.93 -14.53
CA GLY B 158 -14.24 -24.46 -14.87
C GLY B 158 -14.62 -25.63 -13.98
N GLU B 159 -13.66 -26.50 -13.68
CA GLU B 159 -13.91 -27.62 -12.77
C GLU B 159 -14.27 -27.13 -11.37
N LEU B 160 -13.54 -26.13 -10.86
CA LEU B 160 -13.85 -25.62 -9.54
C LEU B 160 -15.27 -25.04 -9.51
N HIS B 161 -15.62 -24.26 -10.53
CA HIS B 161 -16.96 -23.71 -10.62
C HIS B 161 -18.01 -24.82 -10.70
N TYR B 162 -17.75 -25.85 -11.52
CA TYR B 162 -18.72 -26.93 -11.69
C TYR B 162 -18.95 -27.68 -10.38
N TRP B 163 -17.87 -28.03 -9.69
CA TRP B 163 -18.01 -28.82 -8.47
C TRP B 163 -18.55 -28.00 -7.30
N ILE B 164 -18.36 -26.68 -7.30
CA ILE B 164 -19.07 -25.86 -6.33
C ILE B 164 -20.55 -25.80 -6.67
N ALA B 165 -20.89 -25.72 -7.97
CA ALA B 165 -22.28 -25.54 -8.37
C ALA B 165 -23.14 -26.77 -8.09
N LYS B 166 -22.59 -27.97 -8.19
CA LYS B 166 -23.38 -29.17 -7.85
C LYS B 166 -23.60 -29.34 -6.36
N LYS B 167 -22.98 -28.49 -5.54
CA LYS B 167 -23.16 -28.52 -4.09
C LYS B 167 -23.98 -27.35 -3.58
N SER B 168 -23.72 -26.14 -4.09
CA SER B 168 -24.57 -25.01 -3.81
C SER B 168 -24.69 -24.16 -5.07
N GLN B 169 -25.83 -23.50 -5.21
CA GLN B 169 -26.03 -22.47 -6.21
C GLN B 169 -25.75 -21.09 -5.65
N ASN B 170 -25.35 -21.02 -4.37
CA ASN B 170 -25.14 -19.76 -3.68
C ASN B 170 -23.73 -19.61 -3.12
N LEU B 171 -22.82 -20.55 -3.39
CA LEU B 171 -21.41 -20.37 -3.15
C LEU B 171 -20.64 -20.46 -4.46
N ALA B 172 -19.49 -19.79 -4.48
CA ALA B 172 -18.66 -19.68 -5.66
C ALA B 172 -17.27 -19.25 -5.25
N PHE B 173 -16.31 -19.42 -6.16
CA PHE B 173 -15.02 -18.78 -6.02
C PHE B 173 -14.84 -17.89 -7.25
N PRO B 174 -14.78 -16.58 -7.09
CA PRO B 174 -14.68 -15.68 -8.26
C PRO B 174 -13.36 -15.86 -8.99
N GLY B 175 -13.45 -16.03 -10.30
CA GLY B 175 -12.25 -16.20 -11.10
C GLY B 175 -12.19 -15.45 -12.41
N VAL B 176 -11.23 -15.83 -13.24
CA VAL B 176 -11.03 -15.26 -14.57
C VAL B 176 -12.14 -15.75 -15.50
N VAL B 177 -12.26 -15.10 -16.67
CA VAL B 177 -13.32 -15.46 -17.61
C VAL B 177 -13.06 -16.81 -18.27
N GLY B 178 -11.80 -17.08 -18.62
CA GLY B 178 -11.49 -18.30 -19.34
C GLY B 178 -11.57 -19.51 -18.43
N HIS B 179 -12.49 -20.44 -18.73
CA HIS B 179 -12.73 -21.57 -17.85
C HIS B 179 -11.71 -22.69 -18.00
N THR B 180 -10.85 -22.64 -19.03
CA THR B 180 -9.77 -23.60 -19.17
C THR B 180 -8.53 -23.19 -18.41
N VAL B 181 -8.57 -22.06 -17.70
CA VAL B 181 -7.43 -21.58 -16.93
C VAL B 181 -7.13 -22.53 -15.78
N GLY B 182 -5.89 -23.01 -15.71
CA GLY B 182 -5.47 -23.81 -14.57
C GLY B 182 -5.45 -23.00 -13.29
N ILE B 183 -5.77 -23.67 -12.19
CA ILE B 183 -5.81 -23.01 -10.88
C ILE B 183 -4.41 -22.61 -10.42
N GLY B 184 -3.41 -23.44 -10.70
CA GLY B 184 -2.06 -23.20 -10.22
C GLY B 184 -1.48 -21.85 -10.61
N GLY B 185 -1.29 -21.64 -11.91
CA GLY B 185 -0.75 -20.37 -12.37
C GLY B 185 -1.69 -19.22 -12.11
N MET B 186 -3.00 -19.49 -12.11
CA MET B 186 -4.00 -18.45 -11.85
C MET B 186 -3.84 -17.85 -10.46
N LEU B 187 -3.84 -18.71 -9.43
CA LEU B 187 -3.67 -18.20 -8.07
C LEU B 187 -2.25 -17.76 -7.81
N GLY B 188 -1.29 -18.34 -8.53
CA GLY B 188 0.08 -17.88 -8.43
C GLY B 188 0.23 -16.42 -8.83
N ALA B 189 -0.37 -16.03 -9.95
CA ALA B 189 -0.32 -14.66 -10.42
C ALA B 189 -1.44 -13.76 -9.90
N GLY B 190 -2.40 -14.29 -9.15
CA GLY B 190 -3.58 -13.53 -8.80
C GLY B 190 -4.58 -13.58 -9.95
N GLY B 191 -5.80 -13.10 -9.68
CA GLY B 191 -6.86 -13.35 -10.64
C GLY B 191 -7.96 -12.30 -10.77
N TYR B 192 -8.24 -11.85 -11.98
CA TYR B 192 -9.26 -10.83 -12.20
C TYR B 192 -10.32 -11.39 -13.14
N GLY B 193 -11.58 -11.17 -12.79
CA GLY B 193 -12.72 -11.59 -13.58
C GLY B 193 -13.88 -10.64 -13.44
N TYR B 194 -15.06 -11.06 -13.89
CA TYR B 194 -16.26 -10.24 -13.81
C TYR B 194 -16.75 -10.01 -12.39
N SER B 195 -16.23 -10.74 -11.41
CA SER B 195 -16.71 -10.64 -10.03
C SER B 195 -15.68 -10.04 -9.08
N SER B 196 -14.53 -9.61 -9.60
CA SER B 196 -13.45 -9.12 -8.75
C SER B 196 -13.78 -7.81 -8.06
N ARG B 197 -14.62 -6.96 -8.64
CA ARG B 197 -14.96 -5.73 -7.94
C ARG B 197 -15.83 -5.97 -6.71
N LYS B 198 -16.47 -7.13 -6.63
CA LYS B 198 -17.26 -7.49 -5.45
C LYS B 198 -16.44 -8.25 -4.41
N TYR B 199 -15.50 -9.10 -4.83
CA TYR B 199 -14.77 -9.95 -3.91
C TYR B 199 -13.26 -9.81 -4.02
N GLY B 200 -12.76 -8.91 -4.86
CA GLY B 200 -11.34 -8.83 -5.07
C GLY B 200 -10.86 -9.92 -6.02
N LEU B 201 -9.54 -9.98 -6.14
CA LEU B 201 -8.91 -10.98 -6.98
C LEU B 201 -9.06 -12.37 -6.37
N SER B 202 -8.77 -13.39 -7.17
CA SER B 202 -8.77 -14.76 -6.67
C SER B 202 -7.77 -14.93 -5.53
N ALA B 203 -6.64 -14.25 -5.62
CA ALA B 203 -5.63 -14.35 -4.57
C ALA B 203 -6.03 -13.64 -3.29
N ASP B 204 -7.09 -12.84 -3.32
CA ASP B 204 -7.60 -12.23 -2.10
C ASP B 204 -8.50 -13.17 -1.30
N ASN B 205 -8.78 -14.36 -1.85
CA ASN B 205 -9.66 -15.33 -1.19
C ASN B 205 -8.95 -16.67 -1.05
N ILE B 206 -7.70 -16.67 -0.57
CA ILE B 206 -6.93 -17.89 -0.36
C ILE B 206 -6.73 -18.08 1.15
N LEU B 207 -7.02 -19.30 1.63
CA LEU B 207 -6.93 -19.61 3.05
C LEU B 207 -5.68 -20.39 3.42
N ASP B 208 -5.23 -21.28 2.54
CA ASP B 208 -4.08 -22.13 2.80
C ASP B 208 -3.56 -22.65 1.48
N ALA B 209 -2.35 -23.21 1.50
CA ALA B 209 -1.83 -23.86 0.31
C ALA B 209 -0.80 -24.90 0.71
N GLN B 210 -0.55 -25.86 -0.18
CA GLN B 210 0.52 -26.84 -0.04
C GLN B 210 1.40 -26.84 -1.27
N LEU B 211 2.71 -26.96 -1.01
CA LEU B 211 3.82 -26.53 -1.86
C LEU B 211 4.98 -27.51 -1.72
N ILE B 212 5.79 -27.59 -2.78
CA ILE B 212 7.05 -28.31 -2.75
C ILE B 212 8.18 -27.29 -2.77
N ASP B 213 9.00 -27.33 -1.72
CA ASP B 213 10.12 -26.43 -1.50
C ASP B 213 11.31 -26.85 -2.37
N VAL B 214 12.29 -25.94 -2.48
CA VAL B 214 13.51 -26.27 -3.23
C VAL B 214 14.23 -27.42 -2.54
N ARG B 215 14.02 -27.57 -1.23
CA ARG B 215 14.55 -28.69 -0.47
C ARG B 215 13.73 -29.95 -0.63
N GLY B 216 12.59 -29.89 -1.32
CA GLY B 216 11.71 -31.02 -1.45
C GLY B 216 10.84 -31.30 -0.24
N ARG B 217 10.87 -30.44 0.77
CA ARG B 217 10.05 -30.64 1.97
C ARG B 217 8.64 -30.14 1.71
N ILE B 218 7.65 -30.99 2.00
CA ILE B 218 6.25 -30.62 1.87
C ILE B 218 5.86 -29.73 3.05
N LEU B 219 5.24 -28.59 2.74
CA LEU B 219 4.85 -27.61 3.74
C LEU B 219 3.56 -26.90 3.31
N ASN B 220 2.66 -26.70 4.28
CA ASN B 220 1.44 -25.95 4.06
C ASN B 220 1.64 -24.52 4.56
N ARG B 221 0.55 -23.75 4.65
CA ARG B 221 0.65 -22.38 5.14
C ARG B 221 1.26 -22.31 6.54
N LYS B 222 0.86 -23.24 7.41
CA LYS B 222 1.26 -23.16 8.81
C LYS B 222 2.76 -23.41 8.97
N SER B 223 3.27 -24.43 8.29
CA SER B 223 4.68 -24.81 8.40
C SER B 223 5.62 -24.00 7.51
N MET B 224 5.08 -23.19 6.60
CA MET B 224 5.91 -22.44 5.64
C MET B 224 6.23 -21.03 6.09
N GLY B 225 5.43 -20.46 6.99
CA GLY B 225 5.58 -19.06 7.36
C GLY B 225 4.81 -18.21 6.39
N GLU B 226 4.37 -17.03 6.82
CA GLU B 226 3.50 -16.20 6.01
C GLU B 226 4.23 -15.26 5.05
N ASP B 227 5.55 -15.15 5.14
CA ASP B 227 6.28 -14.44 4.09
C ASP B 227 6.25 -15.23 2.77
N LEU B 228 6.55 -16.53 2.83
CA LEU B 228 6.49 -17.34 1.61
C LEU B 228 5.03 -17.53 1.18
N PHE B 229 4.14 -17.72 2.15
CA PHE B 229 2.71 -17.86 1.84
C PHE B 229 2.18 -16.59 1.21
N TRP B 230 2.63 -15.44 1.69
CA TRP B 230 2.34 -14.18 1.04
C TRP B 230 2.84 -14.19 -0.40
N ALA B 231 4.06 -14.69 -0.60
CA ALA B 231 4.65 -14.71 -1.93
C ALA B 231 3.80 -15.49 -2.93
N ILE B 232 3.43 -16.73 -2.59
CA ILE B 232 2.81 -17.59 -3.60
C ILE B 232 1.46 -17.06 -4.07
N ARG B 233 0.76 -16.30 -3.22
CA ARG B 233 -0.54 -15.73 -3.60
C ARG B 233 -0.32 -14.40 -4.32
N GLY B 234 -0.12 -14.46 -5.63
CA GLY B 234 0.00 -13.27 -6.45
C GLY B 234 1.41 -12.85 -6.82
N GLY B 235 2.44 -13.50 -6.28
CA GLY B 235 3.80 -13.33 -6.76
C GLY B 235 4.16 -14.39 -7.78
N GLY B 236 5.38 -14.30 -8.30
CA GLY B 236 5.78 -15.30 -9.25
C GLY B 236 6.01 -16.64 -8.56
N ALA B 237 4.96 -17.47 -8.55
CA ALA B 237 5.00 -18.71 -7.79
C ALA B 237 6.02 -19.69 -8.38
N GLY B 238 6.18 -19.69 -9.70
CA GLY B 238 7.18 -20.53 -10.34
C GLY B 238 8.59 -20.21 -9.90
N SER B 239 8.81 -19.00 -9.39
CA SER B 239 10.09 -18.59 -8.85
C SER B 239 10.20 -18.79 -7.35
N PHE B 240 9.15 -19.32 -6.70
CA PHE B 240 9.19 -19.63 -5.28
C PHE B 240 9.08 -21.12 -4.98
N GLY B 241 8.43 -21.86 -5.85
CA GLY B 241 8.22 -23.27 -5.64
C GLY B 241 7.21 -23.79 -6.66
N ILE B 242 6.78 -25.02 -6.45
CA ILE B 242 5.73 -25.63 -7.27
C ILE B 242 4.56 -25.95 -6.36
N VAL B 243 3.44 -25.25 -6.57
CA VAL B 243 2.32 -25.29 -5.65
C VAL B 243 1.35 -26.38 -6.10
N LEU B 244 1.13 -27.36 -5.22
CA LEU B 244 0.33 -28.53 -5.56
C LEU B 244 -1.11 -28.49 -5.05
N ALA B 245 -1.44 -27.64 -4.08
CA ALA B 245 -2.85 -27.57 -3.67
C ALA B 245 -3.13 -26.22 -3.00
N TRP B 246 -4.39 -25.78 -3.05
CA TRP B 246 -4.82 -24.56 -2.40
C TRP B 246 -6.13 -24.78 -1.65
N LYS B 247 -6.17 -24.41 -0.37
CA LYS B 247 -7.42 -24.25 0.36
C LYS B 247 -7.88 -22.82 0.10
N VAL B 248 -8.98 -22.68 -0.62
CA VAL B 248 -9.46 -21.41 -1.14
C VAL B 248 -10.80 -21.07 -0.49
N ARG B 249 -11.00 -19.78 -0.24
CA ARG B 249 -12.26 -19.29 0.31
C ARG B 249 -13.39 -19.36 -0.72
N LEU B 250 -14.55 -19.82 -0.25
CA LEU B 250 -15.79 -19.71 -1.00
C LEU B 250 -16.58 -18.52 -0.48
N VAL B 251 -17.28 -17.85 -1.39
CA VAL B 251 -17.99 -16.61 -1.08
C VAL B 251 -19.45 -16.76 -1.49
N ASP B 252 -20.31 -16.02 -0.78
CA ASP B 252 -21.74 -16.04 -1.08
C ASP B 252 -22.00 -15.44 -2.46
N VAL B 253 -22.94 -16.03 -3.18
CA VAL B 253 -23.43 -15.46 -4.43
C VAL B 253 -24.95 -15.53 -4.39
N PRO B 254 -25.66 -14.47 -4.78
CA PRO B 254 -27.12 -14.54 -4.76
C PRO B 254 -27.63 -15.59 -5.73
N SER B 255 -28.82 -16.11 -5.44
CA SER B 255 -29.39 -17.14 -6.30
C SER B 255 -29.78 -16.58 -7.65
N LYS B 256 -29.75 -15.26 -7.82
CA LYS B 256 -30.00 -14.61 -9.09
C LYS B 256 -28.81 -13.74 -9.44
N VAL B 257 -28.12 -14.08 -10.52
CA VAL B 257 -27.03 -13.30 -11.11
C VAL B 257 -27.42 -12.98 -12.54
N THR B 258 -27.21 -11.73 -12.95
CA THR B 258 -27.67 -11.29 -14.26
C THR B 258 -26.48 -10.86 -15.11
N VAL B 259 -26.38 -11.42 -16.31
CA VAL B 259 -25.36 -11.04 -17.26
C VAL B 259 -26.02 -10.20 -18.35
N PHE B 260 -25.21 -9.42 -19.04
CA PHE B 260 -25.72 -8.82 -20.27
C PHE B 260 -24.58 -8.55 -21.25
N THR B 261 -24.94 -8.53 -22.53
CA THR B 261 -24.06 -8.10 -23.61
C THR B 261 -24.82 -7.08 -24.43
N ALA B 262 -24.30 -5.85 -24.47
CA ALA B 262 -24.89 -4.76 -25.23
C ALA B 262 -23.90 -4.39 -26.33
N ILE B 263 -24.32 -4.55 -27.58
CA ILE B 263 -23.51 -4.20 -28.73
C ILE B 263 -23.93 -2.81 -29.20
N ARG B 264 -22.97 -1.88 -29.24
CA ARG B 264 -23.25 -0.53 -29.67
C ARG B 264 -22.14 -0.08 -30.62
N ASP B 265 -22.50 0.67 -31.65
CA ASP B 265 -21.56 1.01 -32.72
C ASP B 265 -20.85 2.33 -32.41
N TRP B 266 -19.54 2.25 -32.18
CA TRP B 266 -18.74 3.40 -31.76
C TRP B 266 -18.62 4.46 -32.84
N ASP B 267 -18.83 4.09 -34.11
CA ASP B 267 -18.47 4.95 -35.24
C ASP B 267 -18.97 6.38 -35.05
N ASN B 268 -20.28 6.56 -34.87
CA ASN B 268 -20.85 7.91 -34.82
C ASN B 268 -21.69 8.23 -33.59
N ASN B 269 -22.17 7.24 -32.83
CA ASN B 269 -23.19 7.54 -31.83
C ASN B 269 -22.58 8.39 -30.72
N ALA B 270 -22.89 9.69 -30.76
CA ALA B 270 -22.59 10.58 -29.65
C ALA B 270 -23.32 10.13 -28.39
N THR B 271 -24.35 9.31 -28.56
CA THR B 271 -25.04 8.69 -27.43
C THR B 271 -24.08 7.88 -26.57
N LYS B 272 -23.09 7.22 -27.19
CA LYS B 272 -22.08 6.48 -26.44
C LYS B 272 -20.98 7.35 -25.90
N LYS B 273 -21.24 8.60 -25.70
CA LYS B 273 -20.34 9.10 -24.70
C LYS B 273 -20.68 8.54 -23.28
N PHE B 274 -21.50 7.49 -23.06
CA PHE B 274 -21.47 6.84 -21.76
C PHE B 274 -20.05 6.34 -21.46
N ILE B 275 -19.30 5.98 -22.51
CA ILE B 275 -17.89 5.61 -22.33
C ILE B 275 -17.18 6.71 -21.56
N HIS B 276 -17.45 7.96 -21.95
CA HIS B 276 -16.94 9.12 -21.21
C HIS B 276 -17.39 9.07 -19.76
N ARG B 277 -18.66 8.71 -19.51
CA ARG B 277 -19.12 8.55 -18.15
C ARG B 277 -18.50 7.31 -17.52
N TYR B 278 -18.45 6.23 -18.29
CA TYR B 278 -17.92 4.95 -17.81
C TYR B 278 -16.54 5.10 -17.18
N GLN B 279 -15.61 5.73 -17.91
CA GLN B 279 -14.25 5.90 -17.42
C GLN B 279 -14.20 6.62 -16.08
N ARG B 280 -14.93 7.72 -15.96
CA ARG B 280 -14.90 8.55 -14.76
C ARG B 280 -15.86 8.08 -13.68
N ARG B 281 -16.62 7.01 -13.91
CA ARG B 281 -17.64 6.58 -12.96
C ARG B 281 -17.68 5.10 -12.62
N ILE B 282 -17.15 4.19 -13.46
CA ILE B 282 -17.43 2.78 -13.21
C ILE B 282 -16.67 2.22 -12.01
N ALA B 283 -15.56 2.85 -11.61
CA ALA B 283 -14.85 2.31 -10.46
C ALA B 283 -15.56 2.61 -9.14
N LYS B 284 -16.56 3.47 -9.15
CA LYS B 284 -17.32 3.76 -7.95
C LYS B 284 -18.80 3.40 -8.05
N VAL B 285 -19.23 2.81 -9.17
CA VAL B 285 -20.59 2.27 -9.24
C VAL B 285 -20.68 1.04 -8.33
N ASP B 286 -21.90 0.77 -7.86
CA ASP B 286 -22.20 -0.35 -6.96
C ASP B 286 -21.40 -1.60 -7.31
N LYS B 287 -20.77 -2.19 -6.30
CA LYS B 287 -19.72 -3.19 -6.54
C LYS B 287 -20.26 -4.54 -7.01
N ASP B 288 -21.56 -4.80 -6.89
CA ASP B 288 -22.08 -6.04 -7.47
C ASP B 288 -22.04 -6.02 -9.00
N LEU B 289 -21.79 -4.86 -9.60
CA LEU B 289 -21.86 -4.68 -11.04
C LEU B 289 -20.45 -4.46 -11.58
N THR B 290 -20.04 -5.29 -12.53
CA THR B 290 -18.80 -5.06 -13.28
C THR B 290 -19.12 -5.13 -14.76
N ILE B 291 -18.86 -4.01 -15.45
CA ILE B 291 -19.04 -3.85 -16.88
C ILE B 291 -17.66 -3.80 -17.53
N ILE B 292 -17.40 -4.70 -18.47
CA ILE B 292 -16.15 -4.78 -19.21
C ILE B 292 -16.41 -4.32 -20.63
N VAL B 293 -15.49 -3.52 -21.17
CA VAL B 293 -15.66 -2.97 -22.52
C VAL B 293 -14.67 -3.62 -23.47
N ARG B 294 -15.15 -3.97 -24.67
CA ARG B 294 -14.31 -4.55 -25.71
C ARG B 294 -14.50 -3.75 -26.99
N PHE B 295 -13.39 -3.36 -27.61
CA PHE B 295 -13.37 -2.56 -28.82
C PHE B 295 -12.78 -3.37 -29.95
N LEU B 296 -13.52 -3.47 -31.07
CA LEU B 296 -13.03 -4.24 -32.22
C LEU B 296 -13.62 -3.64 -33.48
N THR B 297 -13.19 -4.15 -34.64
CA THR B 297 -13.73 -3.70 -35.91
C THR B 297 -14.53 -4.84 -36.54
N ALA B 298 -15.76 -4.53 -36.96
CA ALA B 298 -16.65 -5.51 -37.56
C ALA B 298 -17.44 -4.86 -38.69
N SER B 299 -17.62 -5.61 -39.78
CA SER B 299 -18.36 -5.11 -40.92
C SER B 299 -19.86 -5.03 -40.62
N ILE B 300 -20.49 -3.96 -41.10
CA ILE B 300 -21.93 -3.78 -41.01
C ILE B 300 -22.55 -3.57 -42.38
N THR B 301 -21.97 -2.70 -43.19
CA THR B 301 -22.40 -2.54 -44.58
C THR B 301 -21.36 -3.18 -45.51
N ILE B 309 -16.40 -1.67 -42.88
CA ILE B 309 -15.66 -1.89 -41.65
C ILE B 309 -15.75 -0.68 -40.75
N GLN B 310 -16.43 -0.83 -39.62
CA GLN B 310 -16.50 0.21 -38.60
C GLN B 310 -16.18 -0.41 -37.23
N ILE B 311 -16.12 0.44 -36.21
CA ILE B 311 -15.71 0.04 -34.87
C ILE B 311 -16.94 -0.27 -34.02
N SER B 312 -16.99 -1.49 -33.51
CA SER B 312 -18.05 -1.97 -32.63
C SER B 312 -17.56 -2.06 -31.19
N THR B 313 -18.48 -1.79 -30.26
CA THR B 313 -18.22 -1.78 -28.84
C THR B 313 -19.10 -2.83 -28.18
N PHE B 314 -18.47 -3.83 -27.57
CA PHE B 314 -19.15 -4.87 -26.82
C PHE B 314 -19.07 -4.55 -25.33
N ILE B 315 -20.20 -4.18 -24.75
CA ILE B 315 -20.29 -3.85 -23.33
C ILE B 315 -20.88 -5.09 -22.65
N THR B 316 -20.06 -5.82 -21.89
CA THR B 316 -20.53 -7.07 -21.32
C THR B 316 -20.39 -6.97 -19.81
N ALA B 317 -21.31 -7.58 -19.07
CA ALA B 317 -21.23 -7.34 -17.63
C ALA B 317 -21.89 -8.46 -16.84
N THR B 318 -21.48 -8.54 -15.58
CA THR B 318 -22.17 -9.34 -14.58
C THR B 318 -22.60 -8.47 -13.42
N TYR B 319 -23.80 -8.76 -12.90
CA TYR B 319 -24.39 -8.08 -11.77
C TYR B 319 -24.90 -9.12 -10.79
N HIS B 320 -24.51 -9.00 -9.53
CA HIS B 320 -24.87 -9.97 -8.50
C HIS B 320 -26.21 -9.56 -7.89
N GLY B 321 -27.28 -10.02 -8.51
CA GLY B 321 -28.62 -9.64 -8.13
C GLY B 321 -29.58 -9.86 -9.30
N SER B 322 -30.85 -9.60 -9.02
CA SER B 322 -31.89 -9.87 -10.00
C SER B 322 -31.82 -8.90 -11.18
N GLN B 323 -32.47 -9.28 -12.28
CA GLN B 323 -32.51 -8.43 -13.46
C GLN B 323 -33.28 -7.14 -13.19
N ASP B 324 -34.36 -7.22 -12.41
CA ASP B 324 -35.10 -6.01 -12.07
C ASP B 324 -34.17 -4.98 -11.44
N ARG B 325 -33.40 -5.41 -10.44
CA ARG B 325 -32.51 -4.50 -9.73
C ARG B 325 -31.33 -4.08 -10.60
N LEU B 326 -30.81 -4.96 -11.46
CA LEU B 326 -29.75 -4.56 -12.37
C LEU B 326 -30.23 -3.47 -13.31
N LEU B 327 -31.42 -3.66 -13.90
CA LEU B 327 -31.96 -2.66 -14.80
C LEU B 327 -32.18 -1.34 -14.06
N SER B 328 -32.70 -1.42 -12.83
CA SER B 328 -32.93 -0.21 -12.06
C SER B 328 -31.62 0.53 -11.78
N LEU B 329 -30.59 -0.20 -11.34
CA LEU B 329 -29.30 0.44 -11.06
C LEU B 329 -28.68 1.06 -12.31
N MET B 330 -28.68 0.33 -13.43
CA MET B 330 -27.94 0.86 -14.56
C MET B 330 -28.70 1.99 -15.23
N GLU B 331 -30.04 1.92 -15.25
CA GLU B 331 -30.81 3.07 -15.72
C GLU B 331 -30.61 4.25 -14.79
N LYS B 332 -30.39 3.99 -13.50
CA LYS B 332 -30.13 5.07 -12.56
C LYS B 332 -28.80 5.74 -12.85
N GLU B 333 -27.76 4.96 -13.18
CA GLU B 333 -26.43 5.53 -13.32
C GLU B 333 -26.05 5.85 -14.75
N PHE B 334 -26.37 4.97 -15.70
CA PHE B 334 -25.97 5.12 -17.09
C PHE B 334 -27.20 4.93 -17.96
N PRO B 335 -28.11 5.91 -17.98
CA PRO B 335 -29.30 5.81 -18.83
C PRO B 335 -29.00 5.89 -20.32
N GLU B 336 -27.73 6.10 -20.71
CA GLU B 336 -27.37 6.24 -22.12
C GLU B 336 -27.11 4.92 -22.82
N LEU B 337 -26.62 3.90 -22.10
CA LEU B 337 -26.36 2.61 -22.74
C LEU B 337 -27.62 2.01 -23.35
N GLY B 338 -28.80 2.38 -22.84
CA GLY B 338 -30.03 1.80 -23.35
C GLY B 338 -30.13 0.30 -23.17
N LEU B 339 -29.66 -0.22 -22.03
CA LEU B 339 -29.66 -1.66 -21.83
C LEU B 339 -31.10 -2.15 -21.77
N LEU B 340 -31.55 -2.77 -22.86
CA LEU B 340 -32.92 -3.30 -22.94
C LEU B 340 -33.00 -4.67 -22.27
N ALA B 341 -34.13 -4.91 -21.61
CA ALA B 341 -34.28 -6.14 -20.83
C ALA B 341 -34.04 -7.40 -21.66
N LYS B 342 -34.31 -7.33 -22.97
CA LYS B 342 -34.05 -8.47 -23.84
C LYS B 342 -32.55 -8.70 -24.07
N GLU B 343 -31.70 -7.85 -23.50
CA GLU B 343 -30.25 -7.99 -23.60
C GLU B 343 -29.64 -8.58 -22.34
N CYS B 344 -30.45 -9.05 -21.41
CA CYS B 344 -29.99 -9.53 -20.11
C CYS B 344 -30.31 -11.01 -19.96
N ALA B 345 -29.74 -11.61 -18.90
CA ALA B 345 -30.00 -13.01 -18.60
C ALA B 345 -29.79 -13.25 -17.11
N GLU B 346 -30.88 -13.49 -16.38
CA GLU B 346 -30.78 -13.93 -15.01
C GLU B 346 -30.52 -15.43 -14.97
N GLY B 347 -29.94 -15.87 -13.87
CA GLY B 347 -29.77 -17.30 -13.65
C GLY B 347 -28.93 -17.56 -12.42
N ALA B 348 -28.55 -18.82 -12.27
CA ALA B 348 -27.56 -19.14 -11.25
C ALA B 348 -26.22 -18.52 -11.65
N TRP B 349 -25.31 -18.46 -10.68
CA TRP B 349 -23.99 -17.94 -10.95
C TRP B 349 -23.30 -18.75 -12.04
N VAL B 350 -23.45 -20.08 -11.98
CA VAL B 350 -22.80 -20.96 -12.93
C VAL B 350 -23.28 -20.67 -14.35
N GLN B 351 -24.51 -20.16 -14.49
CA GLN B 351 -24.99 -19.83 -15.83
C GLN B 351 -24.32 -18.56 -16.35
N SER B 352 -23.95 -17.64 -15.46
CA SER B 352 -23.11 -16.52 -15.89
C SER B 352 -21.75 -17.04 -16.35
N ILE B 353 -21.20 -18.00 -15.61
CA ILE B 353 -19.93 -18.62 -16.02
C ILE B 353 -20.06 -19.22 -17.42
N LEU B 354 -21.16 -19.93 -17.68
CA LEU B 354 -21.38 -20.50 -19.00
C LEU B 354 -21.52 -19.40 -20.05
N TYR B 355 -22.29 -18.36 -19.73
CA TYR B 355 -22.56 -17.28 -20.67
C TYR B 355 -21.26 -16.69 -21.19
N PHE B 356 -20.32 -16.42 -20.30
CA PHE B 356 -19.06 -15.82 -20.72
C PHE B 356 -18.01 -16.85 -21.14
N ASN B 357 -18.38 -18.11 -21.33
CA ASN B 357 -17.50 -19.11 -21.90
C ASN B 357 -18.09 -19.72 -23.17
N LEU B 365 -26.66 -29.09 -21.64
CA LEU B 365 -26.53 -30.12 -20.61
C LEU B 365 -25.60 -29.60 -19.52
N ASP B 366 -26.15 -29.32 -18.34
CA ASP B 366 -25.51 -28.43 -17.37
C ASP B 366 -24.30 -29.12 -16.72
N VAL B 367 -23.43 -29.67 -17.57
CA VAL B 367 -22.17 -30.28 -17.17
C VAL B 367 -21.02 -29.83 -18.08
N LEU B 368 -21.14 -28.67 -18.71
CA LEU B 368 -20.28 -28.33 -19.84
C LEU B 368 -18.88 -27.86 -19.44
N LEU B 369 -18.57 -27.74 -18.17
CA LEU B 369 -17.31 -27.13 -17.74
C LEU B 369 -16.15 -28.11 -17.58
N ASN B 370 -16.34 -29.40 -17.87
CA ASN B 370 -15.27 -30.37 -17.66
C ASN B 370 -14.53 -30.78 -18.94
N ARG B 371 -14.74 -30.09 -20.06
CA ARG B 371 -14.01 -30.40 -21.28
C ARG B 371 -12.98 -29.31 -21.54
N THR B 372 -11.71 -29.72 -21.65
CA THR B 372 -10.61 -28.80 -21.89
C THR B 372 -10.20 -28.83 -23.36
N LEU B 373 -11.13 -29.18 -24.25
CA LEU B 373 -10.91 -29.16 -25.68
C LEU B 373 -11.72 -27.98 -26.23
N ASN B 374 -11.06 -27.12 -26.98
CA ASN B 374 -11.66 -25.85 -27.39
C ASN B 374 -11.36 -25.53 -28.84
N ARG B 378 -6.13 -19.33 -32.50
CA ARG B 378 -5.47 -18.12 -32.98
C ARG B 378 -4.30 -17.70 -32.10
N ALA B 379 -3.12 -17.57 -32.71
CA ALA B 379 -1.95 -17.02 -32.05
C ALA B 379 -2.22 -15.57 -31.66
N PHE B 380 -1.57 -15.12 -30.59
CA PHE B 380 -1.95 -13.83 -30.05
C PHE B 380 -0.88 -13.26 -29.14
N LYS B 381 -0.92 -11.93 -29.00
CA LYS B 381 -0.15 -11.22 -27.98
C LYS B 381 -1.02 -10.17 -27.31
N ILE B 382 -0.74 -9.95 -26.02
CA ILE B 382 -1.50 -9.08 -25.14
C ILE B 382 -0.53 -8.12 -24.49
N LYS B 383 -1.00 -6.90 -24.27
CA LYS B 383 -0.32 -5.95 -23.40
C LYS B 383 -1.37 -5.40 -22.45
N SER B 384 -0.93 -4.80 -21.36
CA SER B 384 -1.87 -4.30 -20.38
C SER B 384 -1.37 -2.97 -19.86
N ASP B 385 -2.29 -2.16 -19.36
CA ASP B 385 -1.91 -0.85 -18.88
C ASP B 385 -2.93 -0.40 -17.85
N TYR B 386 -2.49 0.40 -16.89
CA TYR B 386 -3.36 0.90 -15.84
C TYR B 386 -3.67 2.37 -16.04
N LEU B 387 -4.94 2.73 -15.93
CA LEU B 387 -5.39 4.11 -16.10
C LEU B 387 -5.77 4.65 -14.73
N LYS B 388 -5.08 5.70 -14.30
CA LYS B 388 -5.41 6.36 -13.05
C LYS B 388 -6.19 7.64 -13.25
N LYS B 389 -6.13 8.23 -14.44
CA LYS B 389 -6.99 9.33 -14.82
C LYS B 389 -7.58 9.04 -16.19
N PRO B 390 -8.84 9.41 -16.42
CA PRO B 390 -9.54 8.97 -17.64
C PRO B 390 -8.86 9.48 -18.91
N ILE B 391 -8.87 8.62 -19.94
CA ILE B 391 -8.28 8.98 -21.23
C ILE B 391 -9.07 10.12 -21.86
N PRO B 392 -8.41 11.22 -22.25
CA PRO B 392 -9.13 12.28 -22.98
C PRO B 392 -9.72 11.75 -24.29
N ASP B 393 -10.89 12.30 -24.65
CA ASP B 393 -11.71 11.72 -25.71
C ASP B 393 -10.97 11.63 -27.03
N GLN B 394 -10.38 12.74 -27.47
CA GLN B 394 -9.75 12.77 -28.78
C GLN B 394 -8.62 11.75 -28.84
N VAL B 395 -7.89 11.62 -27.71
CA VAL B 395 -6.82 10.64 -27.58
C VAL B 395 -7.39 9.23 -27.69
N LEU B 396 -8.56 8.98 -27.08
CA LEU B 396 -9.16 7.67 -27.14
C LEU B 396 -9.54 7.30 -28.58
N GLU B 397 -10.12 8.24 -29.33
CA GLU B 397 -10.48 7.96 -30.71
C GLU B 397 -9.22 7.74 -31.56
N ASN B 398 -8.15 8.49 -31.28
CA ASN B 398 -6.89 8.28 -32.00
C ASN B 398 -6.32 6.90 -31.72
N LEU B 399 -6.51 6.39 -30.49
CA LEU B 399 -6.12 5.02 -30.19
C LEU B 399 -7.00 4.00 -30.93
N LEU B 400 -8.31 4.25 -30.96
CA LEU B 400 -9.25 3.28 -31.53
C LEU B 400 -9.14 3.16 -33.05
N VAL B 401 -8.87 4.27 -33.75
CA VAL B 401 -8.80 4.20 -35.20
C VAL B 401 -7.70 3.26 -35.68
N LYS B 402 -6.69 3.00 -34.84
CA LYS B 402 -5.62 2.08 -35.20
C LYS B 402 -6.15 0.66 -35.40
N LEU B 403 -7.38 0.38 -34.96
CA LEU B 403 -7.99 -0.93 -35.15
C LEU B 403 -8.11 -1.30 -36.62
N TYR B 404 -8.24 -0.29 -37.50
CA TYR B 404 -8.33 -0.58 -38.93
C TYR B 404 -6.99 -0.99 -39.52
N GLU B 405 -5.88 -0.74 -38.81
CA GLU B 405 -4.56 -1.07 -39.32
C GLU B 405 -4.34 -2.57 -39.44
N GLU B 406 -5.24 -3.37 -38.86
CA GLU B 406 -5.11 -4.82 -38.85
C GLU B 406 -6.40 -5.40 -39.43
N ASP B 407 -6.39 -6.72 -39.63
CA ASP B 407 -7.52 -7.43 -40.20
C ASP B 407 -8.75 -7.32 -39.32
N ILE B 408 -9.92 -7.59 -39.92
CA ILE B 408 -11.19 -7.40 -39.23
C ILE B 408 -11.24 -8.26 -37.97
N GLY B 409 -11.47 -7.62 -36.83
CA GLY B 409 -11.71 -8.32 -35.60
C GLY B 409 -10.58 -9.16 -35.07
N GLU B 410 -9.35 -8.92 -35.52
CA GLU B 410 -8.18 -9.61 -34.99
C GLU B 410 -7.42 -8.79 -33.96
N THR B 411 -7.96 -7.65 -33.54
CA THR B 411 -7.33 -6.81 -32.52
C THR B 411 -8.42 -6.23 -31.63
N PHE B 412 -8.13 -6.18 -30.34
CA PHE B 412 -9.10 -5.80 -29.32
C PHE B 412 -8.46 -4.74 -28.42
N VAL B 413 -9.28 -3.79 -27.97
CA VAL B 413 -8.89 -2.91 -26.86
C VAL B 413 -9.95 -3.02 -25.78
N GLU B 414 -9.53 -3.36 -24.56
CA GLU B 414 -10.49 -3.73 -23.54
C GLU B 414 -10.28 -2.90 -22.28
N PHE B 415 -11.38 -2.61 -21.59
CA PHE B 415 -11.38 -1.93 -20.30
C PHE B 415 -11.90 -2.91 -19.24
N PHE B 416 -11.08 -3.17 -18.21
CA PHE B 416 -11.41 -3.97 -17.04
C PHE B 416 -11.50 -3.12 -15.77
N PRO B 417 -12.69 -2.91 -15.19
CA PRO B 417 -12.82 -1.96 -14.08
C PRO B 417 -12.25 -2.48 -12.76
N TYR B 418 -11.63 -1.56 -12.01
CA TYR B 418 -10.98 -1.84 -10.73
C TYR B 418 -11.56 -1.08 -9.54
N GLY B 419 -12.88 -1.09 -9.33
CA GLY B 419 -13.47 -0.40 -8.22
C GLY B 419 -13.91 -1.29 -7.08
N GLY B 420 -14.89 -0.80 -6.32
CA GLY B 420 -15.54 -1.62 -5.32
C GLY B 420 -14.57 -2.07 -4.25
N LYS B 421 -14.50 -3.39 -4.05
CA LYS B 421 -13.64 -3.99 -3.03
C LYS B 421 -12.16 -3.85 -3.36
N LEU B 422 -11.82 -3.58 -4.63
CA LEU B 422 -10.40 -3.42 -5.00
C LEU B 422 -9.80 -2.14 -4.45
N ASP B 423 -10.61 -1.10 -4.21
CA ASP B 423 -10.12 0.05 -3.46
C ASP B 423 -9.87 -0.32 -2.01
N GLU B 424 -10.75 -1.13 -1.42
CA GLU B 424 -10.70 -1.39 0.02
C GLU B 424 -9.44 -2.14 0.41
N ILE B 425 -8.84 -2.87 -0.53
CA ILE B 425 -7.76 -3.81 -0.23
C ILE B 425 -6.42 -3.10 -0.42
N SER B 426 -5.56 -3.20 0.59
CA SER B 426 -4.28 -2.52 0.59
C SER B 426 -3.35 -3.07 -0.48
N GLU B 427 -2.47 -2.20 -0.99
CA GLU B 427 -1.50 -2.59 -2.00
C GLU B 427 -0.56 -3.68 -1.50
N SER B 428 -0.39 -3.79 -0.18
CA SER B 428 0.50 -4.79 0.42
C SER B 428 -0.23 -6.05 0.87
N GLU B 429 -1.55 -6.15 0.63
CA GLU B 429 -2.29 -7.31 1.12
C GLU B 429 -1.78 -8.59 0.46
N ILE B 430 -1.53 -8.55 -0.85
CA ILE B 430 -0.86 -9.61 -1.57
C ILE B 430 0.12 -8.94 -2.53
N PRO B 431 0.99 -9.68 -3.22
CA PRO B 431 1.95 -9.02 -4.11
C PRO B 431 1.32 -8.10 -5.15
N CYS B 432 0.07 -8.34 -5.54
CA CYS B 432 -0.56 -7.46 -6.53
C CYS B 432 -0.82 -6.09 -5.91
N PRO B 433 -0.22 -5.02 -6.43
CA PRO B 433 -0.29 -3.69 -5.80
C PRO B 433 -1.33 -2.72 -6.36
N HIS B 434 -2.04 -3.08 -7.42
CA HIS B 434 -2.83 -2.11 -8.19
C HIS B 434 -4.24 -2.07 -7.62
N ARG B 435 -4.44 -1.22 -6.61
CA ARG B 435 -5.65 -1.24 -5.80
C ARG B 435 -6.46 0.04 -5.93
N ALA B 436 -5.92 1.18 -5.51
CA ALA B 436 -6.71 2.38 -5.27
C ALA B 436 -6.14 3.53 -6.09
N GLY B 437 -7.02 4.23 -6.79
CA GLY B 437 -6.59 5.16 -7.81
C GLY B 437 -6.53 4.56 -9.20
N ASN B 438 -6.69 3.25 -9.32
CA ASN B 438 -6.78 2.62 -10.64
C ASN B 438 -8.22 2.70 -11.12
N LEU B 439 -8.44 3.35 -12.26
CA LEU B 439 -9.78 3.36 -12.82
C LEU B 439 -10.13 2.00 -13.43
N TYR B 440 -9.21 1.44 -14.21
CA TYR B 440 -9.42 0.16 -14.87
C TYR B 440 -8.09 -0.31 -15.44
N ASN B 441 -8.09 -1.51 -15.99
CA ASN B 441 -6.91 -2.12 -16.59
C ASN B 441 -7.18 -2.29 -18.08
N LEU B 442 -6.49 -1.49 -18.90
CA LEU B 442 -6.67 -1.56 -20.34
C LEU B 442 -5.86 -2.70 -20.92
N ARG B 443 -6.47 -3.47 -21.82
CA ARG B 443 -5.82 -4.58 -22.49
C ARG B 443 -5.69 -4.27 -23.96
N TYR B 444 -4.48 -4.38 -24.49
CA TYR B 444 -4.21 -4.33 -25.92
C TYR B 444 -4.10 -5.77 -26.41
N MET B 445 -4.67 -6.06 -27.57
CA MET B 445 -4.80 -7.43 -28.02
C MET B 445 -4.62 -7.51 -29.53
N VAL B 446 -3.77 -8.44 -29.99
CA VAL B 446 -3.64 -8.69 -31.43
C VAL B 446 -3.60 -10.20 -31.69
N LEU B 447 -4.30 -10.62 -32.75
CA LEU B 447 -4.55 -12.03 -33.09
C LEU B 447 -4.12 -12.31 -34.52
N TRP B 448 -3.80 -13.57 -34.80
CA TRP B 448 -3.40 -14.02 -36.13
C TRP B 448 -3.30 -15.54 -36.12
N LYS B 449 -2.94 -16.12 -37.27
CA LYS B 449 -2.62 -17.53 -37.33
C LYS B 449 -1.18 -17.70 -37.84
N GLU B 450 -0.71 -18.94 -37.85
CA GLU B 450 0.67 -19.23 -38.23
C GLU B 450 0.87 -19.00 -39.72
N ALA B 456 3.48 -11.52 -42.55
CA ALA B 456 4.56 -11.58 -41.57
C ALA B 456 4.06 -11.34 -40.15
N VAL B 457 4.59 -12.10 -39.20
CA VAL B 457 4.16 -12.00 -37.80
C VAL B 457 4.55 -10.66 -37.20
N ASN B 458 5.66 -10.06 -37.66
CA ASN B 458 6.12 -8.78 -37.11
C ASN B 458 5.10 -7.66 -37.25
N LYS B 459 4.23 -7.70 -38.26
CA LYS B 459 3.27 -6.61 -38.41
C LYS B 459 2.33 -6.55 -37.20
N HIS B 460 1.89 -7.71 -36.72
CA HIS B 460 0.98 -7.75 -35.58
C HIS B 460 1.64 -7.19 -34.33
N LEU B 461 2.87 -7.64 -34.06
CA LEU B 461 3.61 -7.17 -32.90
C LEU B 461 3.92 -5.67 -33.01
N SER B 462 4.27 -5.22 -34.21
CA SER B 462 4.53 -3.79 -34.39
C SER B 462 3.28 -2.97 -34.12
N TRP B 463 2.12 -3.44 -34.58
CA TRP B 463 0.87 -2.75 -34.30
C TRP B 463 0.63 -2.64 -32.80
N ILE B 464 0.77 -3.76 -32.08
CA ILE B 464 0.46 -3.75 -30.65
C ILE B 464 1.42 -2.81 -29.92
N ARG B 465 2.70 -2.87 -30.26
CA ARG B 465 3.70 -2.06 -29.57
C ARG B 465 3.51 -0.59 -29.90
N ARG B 466 3.13 -0.27 -31.14
CA ARG B 466 2.86 1.11 -31.52
C ARG B 466 1.67 1.68 -30.74
N ALA B 467 0.58 0.91 -30.65
CA ALA B 467 -0.60 1.40 -29.92
C ALA B 467 -0.24 1.69 -28.46
N TYR B 468 0.48 0.75 -27.83
CA TYR B 468 0.95 0.96 -26.46
C TYR B 468 1.77 2.24 -26.35
N ASN B 469 2.74 2.41 -27.24
CA ASN B 469 3.64 3.55 -27.16
C ASN B 469 2.90 4.87 -27.41
N TYR B 470 1.86 4.85 -28.25
CA TYR B 470 1.02 6.04 -28.37
C TYR B 470 0.33 6.34 -27.06
N MET B 471 -0.15 5.30 -26.37
CA MET B 471 -0.86 5.53 -25.12
C MET B 471 0.07 5.95 -23.97
N THR B 472 1.37 5.76 -24.14
CA THR B 472 2.38 6.06 -23.11
C THR B 472 2.12 7.28 -22.22
N PRO B 473 1.95 8.50 -22.76
CA PRO B 473 1.89 9.68 -21.87
C PRO B 473 0.61 9.78 -21.05
N TYR B 474 -0.39 8.92 -21.27
CA TYR B 474 -1.70 9.05 -20.65
C TYR B 474 -1.99 7.97 -19.61
N VAL B 475 -1.02 7.14 -19.27
CA VAL B 475 -1.24 5.98 -18.42
C VAL B 475 -0.31 6.05 -17.22
N SER B 476 -0.42 5.05 -16.34
CA SER B 476 0.37 5.01 -15.11
C SER B 476 1.86 5.15 -15.40
N LYS B 477 2.55 5.89 -14.54
CA LYS B 477 3.87 6.41 -14.84
C LYS B 477 4.98 5.80 -13.98
N ASN B 478 4.89 5.91 -12.66
CA ASN B 478 5.97 5.56 -11.75
C ASN B 478 5.45 4.71 -10.59
N PRO B 479 5.37 3.39 -10.77
CA PRO B 479 5.75 2.69 -12.00
C PRO B 479 4.61 2.68 -13.03
N ARG B 480 4.92 2.29 -14.27
CA ARG B 480 3.91 2.08 -15.29
C ARG B 480 3.30 0.70 -15.08
N GLY B 481 2.06 0.67 -14.60
CA GLY B 481 1.48 -0.55 -14.09
C GLY B 481 1.34 -1.64 -15.13
N ALA B 482 1.33 -2.89 -14.63
CA ALA B 482 1.16 -4.06 -15.47
C ALA B 482 0.59 -5.20 -14.65
N PHE B 483 -0.47 -5.82 -15.15
CA PHE B 483 -1.13 -6.91 -14.45
C PHE B 483 -0.40 -8.21 -14.74
N LEU B 484 -0.09 -8.97 -13.69
CA LEU B 484 0.76 -10.15 -13.84
C LEU B 484 0.08 -11.22 -14.68
N ASN B 485 -1.25 -11.40 -14.52
CA ASN B 485 -1.95 -12.37 -15.33
C ASN B 485 -1.79 -12.11 -16.82
N PHE B 486 -1.60 -10.85 -17.19
CA PHE B 486 -1.32 -10.50 -18.59
C PHE B 486 0.19 -10.34 -18.75
N ARG B 487 0.86 -11.49 -18.73
CA ARG B 487 2.32 -11.51 -18.76
C ARG B 487 2.82 -10.93 -20.07
N ASP B 488 3.88 -10.12 -20.00
CA ASP B 488 4.33 -9.34 -21.15
C ASP B 488 5.84 -9.15 -21.00
N LEU B 489 6.61 -9.96 -21.74
CA LEU B 489 8.06 -9.94 -21.60
C LEU B 489 8.69 -8.63 -22.06
N ASP B 490 7.94 -7.77 -22.77
CA ASP B 490 8.51 -6.50 -23.22
C ASP B 490 8.87 -5.58 -22.06
N ILE B 491 8.11 -5.63 -20.96
CA ILE B 491 8.38 -4.75 -19.83
C ILE B 491 9.74 -5.01 -19.19
N GLY B 492 10.36 -6.15 -19.46
CA GLY B 492 11.66 -6.44 -18.86
C GLY B 492 11.83 -7.92 -18.59
N THR B 493 13.10 -8.32 -18.43
CA THR B 493 13.47 -9.70 -18.26
C THR B 493 14.68 -9.78 -17.34
N ASN B 494 15.03 -11.02 -16.93
CA ASN B 494 16.25 -11.14 -16.17
C ASN B 494 17.46 -11.38 -17.07
N PRO B 495 18.65 -10.92 -16.66
CA PRO B 495 19.88 -11.15 -17.45
C PRO B 495 20.33 -12.61 -17.43
N TYR B 506 22.18 -6.59 -11.30
CA TYR B 506 21.17 -7.62 -11.50
C TYR B 506 19.81 -7.16 -10.98
N ILE B 507 19.72 -6.88 -9.69
CA ILE B 507 18.45 -6.51 -9.11
C ILE B 507 18.00 -5.14 -9.62
N LYS B 508 18.93 -4.23 -9.86
CA LYS B 508 18.60 -2.96 -10.49
C LYS B 508 17.89 -3.17 -11.82
N GLN B 509 18.47 -4.00 -12.70
CA GLN B 509 17.88 -4.22 -14.02
C GLN B 509 16.56 -4.96 -13.91
N ALA B 510 16.47 -5.97 -13.05
CA ALA B 510 15.25 -6.76 -12.90
C ALA B 510 14.11 -5.94 -12.29
N SER B 511 14.45 -4.92 -11.51
CA SER B 511 13.43 -4.05 -10.94
C SER B 511 12.57 -3.42 -12.02
N ASN B 512 13.11 -3.29 -13.23
CA ASN B 512 12.36 -2.70 -14.33
C ASN B 512 11.03 -3.43 -14.53
N TRP B 513 11.09 -4.77 -14.66
CA TRP B 513 9.83 -5.52 -14.77
C TRP B 513 9.18 -5.76 -13.41
N GLY B 514 9.98 -5.90 -12.35
CA GLY B 514 9.42 -6.23 -11.06
C GLY B 514 8.50 -5.15 -10.52
N THR B 515 9.00 -3.91 -10.46
CA THR B 515 8.19 -2.81 -9.93
C THR B 515 6.94 -2.57 -10.76
N LYS B 516 7.01 -2.88 -12.06
CA LYS B 516 5.81 -2.76 -12.89
C LYS B 516 4.78 -3.81 -12.53
N TYR B 517 5.22 -5.05 -12.26
CA TYR B 517 4.27 -6.06 -11.78
C TYR B 517 3.84 -5.77 -10.35
N PHE B 518 4.81 -5.48 -9.48
CA PHE B 518 4.59 -5.32 -8.04
C PHE B 518 5.24 -4.02 -7.64
N LYS B 519 4.45 -3.01 -7.26
CA LYS B 519 4.93 -1.65 -7.12
C LYS B 519 6.07 -1.59 -6.11
N ASN B 520 5.79 -1.86 -4.84
CA ASN B 520 6.83 -1.98 -3.85
C ASN B 520 6.91 -3.38 -3.24
N ASN B 521 5.92 -4.24 -3.50
CA ASN B 521 5.98 -5.65 -3.09
C ASN B 521 7.16 -6.38 -3.72
N PHE B 522 7.67 -5.88 -4.84
CA PHE B 522 8.84 -6.48 -5.49
C PHE B 522 10.00 -6.63 -4.52
N TYR B 523 10.21 -5.64 -3.66
CA TYR B 523 11.31 -5.68 -2.71
C TYR B 523 11.11 -6.75 -1.63
N LYS B 524 9.91 -6.78 -1.03
CA LYS B 524 9.58 -7.89 -0.12
C LYS B 524 9.70 -9.22 -0.86
N LEU B 525 9.32 -9.23 -2.13
CA LEU B 525 9.45 -10.43 -2.95
C LEU B 525 10.91 -10.90 -3.00
N ILE B 526 11.85 -9.97 -3.26
CA ILE B 526 13.24 -10.38 -3.35
C ILE B 526 13.73 -10.90 -2.00
N TYR B 527 13.35 -10.22 -0.91
CA TYR B 527 13.77 -10.67 0.41
C TYR B 527 13.33 -12.11 0.65
N VAL B 528 12.05 -12.39 0.40
CA VAL B 528 11.52 -13.74 0.60
C VAL B 528 12.20 -14.73 -0.34
N LYS B 529 12.46 -14.30 -1.58
CA LYS B 529 13.12 -15.19 -2.54
C LYS B 529 14.51 -15.59 -2.07
N THR B 530 15.28 -14.63 -1.55
CA THR B 530 16.62 -14.93 -1.08
C THR B 530 16.58 -15.87 0.11
N ILE B 531 15.56 -15.71 0.96
CA ILE B 531 15.43 -16.66 2.07
C ILE B 531 15.03 -18.05 1.56
N VAL B 532 14.14 -18.11 0.58
CA VAL B 532 13.43 -19.33 0.23
C VAL B 532 14.19 -20.16 -0.81
N ASP B 533 14.65 -19.52 -1.88
CA ASP B 533 15.37 -20.19 -2.95
C ASP B 533 16.67 -19.42 -3.18
N PRO B 534 17.58 -19.48 -2.19
CA PRO B 534 18.81 -18.68 -2.31
C PRO B 534 19.65 -19.02 -3.51
N THR B 535 19.65 -20.28 -3.94
CA THR B 535 20.41 -20.70 -5.10
C THR B 535 19.72 -20.31 -6.41
N ASN B 536 18.55 -19.69 -6.34
CA ASN B 536 17.80 -19.25 -7.51
C ASN B 536 17.53 -20.43 -8.44
N PHE B 537 17.16 -21.57 -7.85
CA PHE B 537 16.78 -22.73 -8.64
C PHE B 537 15.51 -22.46 -9.44
N PHE B 538 14.53 -21.81 -8.81
CA PHE B 538 13.24 -21.51 -9.45
C PHE B 538 13.40 -20.21 -10.21
N THR B 539 13.91 -20.31 -11.44
CA THR B 539 14.27 -19.14 -12.24
C THR B 539 13.68 -19.26 -13.64
N TYR B 540 13.23 -18.14 -14.19
CA TYR B 540 12.75 -18.07 -15.56
C TYR B 540 12.84 -16.62 -16.02
N GLU B 541 12.17 -16.32 -17.15
CA GLU B 541 12.36 -15.03 -17.81
C GLU B 541 11.94 -13.88 -16.90
N GLN B 542 10.99 -14.13 -16.01
CA GLN B 542 10.42 -13.11 -15.13
C GLN B 542 10.34 -13.63 -13.71
N SER B 543 11.43 -14.24 -13.25
CA SER B 543 11.49 -14.80 -11.91
C SER B 543 12.07 -13.78 -10.95
N ILE B 544 11.56 -13.77 -9.73
CA ILE B 544 12.09 -12.83 -8.73
C ILE B 544 13.56 -13.15 -8.48
N PRO B 545 14.47 -12.20 -8.61
CA PRO B 545 15.90 -12.50 -8.42
C PRO B 545 16.25 -12.65 -6.95
N SER B 546 17.42 -13.25 -6.73
CA SER B 546 17.96 -13.47 -5.40
C SER B 546 19.13 -12.51 -5.16
N LEU B 547 19.22 -11.98 -3.95
CA LEU B 547 20.32 -11.10 -3.58
C LEU B 547 21.64 -11.85 -3.53
N LEU B 548 21.63 -13.07 -2.97
CA LEU B 548 22.84 -13.86 -2.98
C LEU B 548 23.05 -14.50 -4.35
N PRO B 549 24.20 -14.33 -4.99
CA PRO B 549 24.44 -14.74 -6.38
C PRO B 549 24.40 -16.25 -6.53
#